data_1P79
# 
_entry.id   1P79 
# 
_audit_conform.dict_name       mmcif_pdbx.dic 
_audit_conform.dict_version    5.386 
_audit_conform.dict_location   http://mmcif.pdb.org/dictionaries/ascii/mmcif_pdbx.dic 
# 
loop_
_database_2.database_id 
_database_2.database_code 
_database_2.pdbx_database_accession 
_database_2.pdbx_DOI 
PDB   1P79         pdb_00001p79 10.2210/pdb1p79/pdb 
NDB   UR0031       ?            ?                   
RCSB  RCSB019095   ?            ?                   
WWPDB D_1000019095 ?            ?                   
# 
loop_
_pdbx_audit_revision_history.ordinal 
_pdbx_audit_revision_history.data_content_type 
_pdbx_audit_revision_history.major_revision 
_pdbx_audit_revision_history.minor_revision 
_pdbx_audit_revision_history.revision_date 
1 'Structure model' 1 0 2003-11-04 
2 'Structure model' 1 1 2008-04-29 
3 'Structure model' 1 2 2011-07-13 
4 'Structure model' 1 3 2024-02-14 
# 
_pdbx_audit_revision_details.ordinal             1 
_pdbx_audit_revision_details.revision_ordinal    1 
_pdbx_audit_revision_details.data_content_type   'Structure model' 
_pdbx_audit_revision_details.provider            repository 
_pdbx_audit_revision_details.type                'Initial release' 
_pdbx_audit_revision_details.description         ? 
_pdbx_audit_revision_details.details             ? 
# 
loop_
_pdbx_audit_revision_group.ordinal 
_pdbx_audit_revision_group.revision_ordinal 
_pdbx_audit_revision_group.data_content_type 
_pdbx_audit_revision_group.group 
1 2 'Structure model' 'Version format compliance' 
2 3 'Structure model' 'Version format compliance' 
3 4 'Structure model' 'Data collection'           
4 4 'Structure model' 'Database references'       
5 4 'Structure model' 'Derived calculations'      
# 
loop_
_pdbx_audit_revision_category.ordinal 
_pdbx_audit_revision_category.revision_ordinal 
_pdbx_audit_revision_category.data_content_type 
_pdbx_audit_revision_category.category 
1 4 'Structure model' chem_comp_atom         
2 4 'Structure model' chem_comp_bond         
3 4 'Structure model' database_2             
4 4 'Structure model' pdbx_struct_conn_angle 
5 4 'Structure model' struct_conn            
6 4 'Structure model' struct_site            
# 
loop_
_pdbx_audit_revision_item.ordinal 
_pdbx_audit_revision_item.revision_ordinal 
_pdbx_audit_revision_item.data_content_type 
_pdbx_audit_revision_item.item 
1  4 'Structure model' '_database_2.pdbx_DOI'                        
2  4 'Structure model' '_database_2.pdbx_database_accession'         
3  4 'Structure model' '_pdbx_struct_conn_angle.ptnr1_auth_comp_id'  
4  4 'Structure model' '_pdbx_struct_conn_angle.ptnr1_auth_seq_id'   
5  4 'Structure model' '_pdbx_struct_conn_angle.ptnr1_label_asym_id' 
6  4 'Structure model' '_pdbx_struct_conn_angle.ptnr1_label_atom_id' 
7  4 'Structure model' '_pdbx_struct_conn_angle.ptnr1_label_comp_id' 
8  4 'Structure model' '_pdbx_struct_conn_angle.ptnr1_label_seq_id'  
9  4 'Structure model' '_pdbx_struct_conn_angle.ptnr1_symmetry'      
10 4 'Structure model' '_pdbx_struct_conn_angle.ptnr2_auth_seq_id'   
11 4 'Structure model' '_pdbx_struct_conn_angle.ptnr2_label_asym_id' 
12 4 'Structure model' '_pdbx_struct_conn_angle.ptnr3_auth_comp_id'  
13 4 'Structure model' '_pdbx_struct_conn_angle.ptnr3_auth_seq_id'   
14 4 'Structure model' '_pdbx_struct_conn_angle.ptnr3_label_asym_id' 
15 4 'Structure model' '_pdbx_struct_conn_angle.ptnr3_label_atom_id' 
16 4 'Structure model' '_pdbx_struct_conn_angle.ptnr3_label_comp_id' 
17 4 'Structure model' '_pdbx_struct_conn_angle.ptnr3_label_seq_id'  
18 4 'Structure model' '_pdbx_struct_conn_angle.ptnr3_symmetry'      
19 4 'Structure model' '_pdbx_struct_conn_angle.value'               
20 4 'Structure model' '_struct_conn.pdbx_dist_value'                
21 4 'Structure model' '_struct_conn.ptnr1_auth_comp_id'             
22 4 'Structure model' '_struct_conn.ptnr1_auth_seq_id'              
23 4 'Structure model' '_struct_conn.ptnr1_label_asym_id'            
24 4 'Structure model' '_struct_conn.ptnr1_label_atom_id'            
25 4 'Structure model' '_struct_conn.ptnr1_label_comp_id'            
26 4 'Structure model' '_struct_conn.ptnr1_label_seq_id'             
27 4 'Structure model' '_struct_conn.ptnr1_symmetry'                 
28 4 'Structure model' '_struct_conn.ptnr2_auth_comp_id'             
29 4 'Structure model' '_struct_conn.ptnr2_auth_seq_id'              
30 4 'Structure model' '_struct_conn.ptnr2_label_asym_id'            
31 4 'Structure model' '_struct_conn.ptnr2_label_atom_id'            
32 4 'Structure model' '_struct_conn.ptnr2_label_comp_id'            
33 4 'Structure model' '_struct_conn.ptnr2_label_seq_id'             
34 4 'Structure model' '_struct_conn.ptnr2_symmetry'                 
35 4 'Structure model' '_struct_site.pdbx_auth_asym_id'              
36 4 'Structure model' '_struct_site.pdbx_auth_comp_id'              
37 4 'Structure model' '_struct_site.pdbx_auth_seq_id'               
# 
_pdbx_database_status.status_code                     REL 
_pdbx_database_status.entry_id                        1P79 
_pdbx_database_status.recvd_initial_deposition_date   2003-04-30 
_pdbx_database_status.deposit_site                    RCSB 
_pdbx_database_status.process_site                    RCSB 
_pdbx_database_status.status_code_sf                  REL 
_pdbx_database_status.SG_entry                        . 
_pdbx_database_status.status_code_mr                  ? 
_pdbx_database_status.pdb_format_compatible           Y 
_pdbx_database_status.status_code_cs                  ? 
_pdbx_database_status.status_code_nmr_data            ? 
_pdbx_database_status.methods_development_category    ? 
# 
loop_
_audit_author.name 
_audit_author.pdbx_ordinal 
'Pan, B.'           1 
'Xiong, Y.'         2 
'Shi, K.'           3 
'Sundaralingam, M.' 4 
# 
_citation.id                        primary 
_citation.title                     
'Crystal Structure of a Bulged RNA Tetraplex at 1.1 A Resolution: Implications for a Novel Binding Site in RNA Tetraplex' 
_citation.journal_abbrev            STRUCTURE 
_citation.journal_volume            11 
_citation.page_first                1423 
_citation.page_last                 1430 
_citation.year                      2003 
_citation.journal_id_ASTM           STRUE6 
_citation.country                   UK 
_citation.journal_id_ISSN           0969-2126 
_citation.journal_id_CSD            2005 
_citation.book_publisher            ? 
_citation.pdbx_database_id_PubMed   14604532 
_citation.pdbx_database_id_DOI      10.1016/j.str.2003.09.017 
# 
loop_
_citation_author.citation_id 
_citation_author.name 
_citation_author.ordinal 
_citation_author.identifier_ORCID 
primary 'Pan, B.'           1 ? 
primary 'Xiong, Y.'         2 ? 
primary 'Shi, K.'           3 ? 
primary 'Sundaralingam, M.' 4 ? 
# 
loop_
_entity.id 
_entity.type 
_entity.src_method 
_entity.pdbx_description 
_entity.formula_weight 
_entity.pdbx_number_of_molecules 
_entity.pdbx_ec 
_entity.pdbx_mutation 
_entity.pdbx_fragment 
_entity.details 
1 polymer     syn "5'-R(*UP*GP*UP*GP*GP*U)-3'" 1909.157 1  ? ? ? ? 
2 non-polymer syn 'POTASSIUM ION'              39.098   3  ? ? ? ? 
3 water       nat water                        18.015   30 ? ? ? ? 
# 
_entity_poly.entity_id                      1 
_entity_poly.type                           polyribonucleotide 
_entity_poly.nstd_linkage                   no 
_entity_poly.nstd_monomer                   no 
_entity_poly.pdbx_seq_one_letter_code       UGUGGU 
_entity_poly.pdbx_seq_one_letter_code_can   UGUGGU 
_entity_poly.pdbx_strand_id                 A 
_entity_poly.pdbx_target_identifier         ? 
# 
loop_
_pdbx_entity_nonpoly.entity_id 
_pdbx_entity_nonpoly.name 
_pdbx_entity_nonpoly.comp_id 
2 'POTASSIUM ION' K   
3 water           HOH 
# 
loop_
_entity_poly_seq.entity_id 
_entity_poly_seq.num 
_entity_poly_seq.mon_id 
_entity_poly_seq.hetero 
1 1 U n 
1 2 G n 
1 3 U n 
1 4 G n 
1 5 G n 
1 6 U n 
# 
loop_
_chem_comp.id 
_chem_comp.type 
_chem_comp.mon_nstd_flag 
_chem_comp.name 
_chem_comp.pdbx_synonyms 
_chem_comp.formula 
_chem_comp.formula_weight 
G   'RNA linking' y "GUANOSINE-5'-MONOPHOSPHATE" ? 'C10 H14 N5 O8 P' 363.221 
HOH non-polymer   . WATER                        ? 'H2 O'            18.015  
K   non-polymer   . 'POTASSIUM ION'              ? 'K 1'             39.098  
U   'RNA linking' y "URIDINE-5'-MONOPHOSPHATE"   ? 'C9 H13 N2 O9 P'  324.181 
# 
loop_
_pdbx_poly_seq_scheme.asym_id 
_pdbx_poly_seq_scheme.entity_id 
_pdbx_poly_seq_scheme.seq_id 
_pdbx_poly_seq_scheme.mon_id 
_pdbx_poly_seq_scheme.ndb_seq_num 
_pdbx_poly_seq_scheme.pdb_seq_num 
_pdbx_poly_seq_scheme.auth_seq_num 
_pdbx_poly_seq_scheme.pdb_mon_id 
_pdbx_poly_seq_scheme.auth_mon_id 
_pdbx_poly_seq_scheme.pdb_strand_id 
_pdbx_poly_seq_scheme.pdb_ins_code 
_pdbx_poly_seq_scheme.hetero 
A 1 1 U 1 1 ? ? ? A . n 
A 1 2 G 2 2 2 G G A . n 
A 1 3 U 3 3 3 U U A . n 
A 1 4 G 4 4 4 G G A . n 
A 1 5 G 5 5 5 G G A . n 
A 1 6 U 6 6 6 U U A . n 
# 
loop_
_pdbx_nonpoly_scheme.asym_id 
_pdbx_nonpoly_scheme.entity_id 
_pdbx_nonpoly_scheme.mon_id 
_pdbx_nonpoly_scheme.ndb_seq_num 
_pdbx_nonpoly_scheme.pdb_seq_num 
_pdbx_nonpoly_scheme.auth_seq_num 
_pdbx_nonpoly_scheme.pdb_mon_id 
_pdbx_nonpoly_scheme.auth_mon_id 
_pdbx_nonpoly_scheme.pdb_strand_id 
_pdbx_nonpoly_scheme.pdb_ins_code 
B 2 K   1  201 201 K   K   A . 
C 2 K   1  202 202 K   K   A . 
D 2 K   1  203 203 K   K   A . 
E 3 HOH 1  101 101 HOH HOH A . 
E 3 HOH 2  102 102 HOH HOH A . 
E 3 HOH 3  103 103 HOH HOH A . 
E 3 HOH 4  104 104 HOH HOH A . 
E 3 HOH 5  105 105 HOH HOH A . 
E 3 HOH 6  106 106 HOH HOH A . 
E 3 HOH 7  107 107 HOH HOH A . 
E 3 HOH 8  108 108 HOH HOH A . 
E 3 HOH 9  109 109 HOH HOH A . 
E 3 HOH 10 110 110 HOH HOH A . 
E 3 HOH 11 111 111 HOH HOH A . 
E 3 HOH 12 112 112 HOH HOH A . 
E 3 HOH 13 113 113 HOH HOH A . 
E 3 HOH 14 114 114 HOH HOH A . 
E 3 HOH 15 115 115 HOH HOH A . 
E 3 HOH 16 116 116 HOH HOH A . 
E 3 HOH 17 117 117 HOH HOH A . 
E 3 HOH 18 118 118 HOH HOH A . 
E 3 HOH 19 119 119 HOH HOH A . 
E 3 HOH 20 120 120 HOH HOH A . 
E 3 HOH 21 121 121 HOH HOH A . 
E 3 HOH 22 122 122 HOH HOH A . 
E 3 HOH 23 123 123 HOH HOH A . 
E 3 HOH 24 124 124 HOH HOH A . 
E 3 HOH 25 125 125 HOH HOH A . 
E 3 HOH 26 126 126 HOH HOH A . 
E 3 HOH 27 127 127 HOH HOH A . 
E 3 HOH 28 128 128 HOH HOH A . 
E 3 HOH 29 129 129 HOH HOH A . 
E 3 HOH 30 130 130 HOH HOH A . 
# 
_pdbx_unobs_or_zero_occ_atoms.id               1 
_pdbx_unobs_or_zero_occ_atoms.PDB_model_num    1 
_pdbx_unobs_or_zero_occ_atoms.polymer_flag     Y 
_pdbx_unobs_or_zero_occ_atoms.occupancy_flag   1 
_pdbx_unobs_or_zero_occ_atoms.auth_asym_id     A 
_pdbx_unobs_or_zero_occ_atoms.auth_comp_id     G 
_pdbx_unobs_or_zero_occ_atoms.auth_seq_id      2 
_pdbx_unobs_or_zero_occ_atoms.PDB_ins_code     ? 
_pdbx_unobs_or_zero_occ_atoms.auth_atom_id     "O2'" 
_pdbx_unobs_or_zero_occ_atoms.label_alt_id     ? 
_pdbx_unobs_or_zero_occ_atoms.label_asym_id    A 
_pdbx_unobs_or_zero_occ_atoms.label_comp_id    G 
_pdbx_unobs_or_zero_occ_atoms.label_seq_id     2 
_pdbx_unobs_or_zero_occ_atoms.label_atom_id    "O2'" 
# 
loop_
_software.name 
_software.classification 
_software.version 
_software.citation_id 
_software.pdbx_ordinal 
REFMAC    refinement       5.1.24 ? 1 
DENZO     'data reduction' .      ? 2 
SCALEPACK 'data scaling'   .      ? 3 
SOLVE     phasing          .      ? 4 
# 
_cell.entry_id           1P79 
_cell.length_a           35.014 
_cell.length_b           35.014 
_cell.length_c           22.257 
_cell.angle_alpha        90.00 
_cell.angle_beta         90.00 
_cell.angle_gamma        90.00 
_cell.Z_PDB              8 
_cell.pdbx_unique_axis   ? 
_cell.length_a_esd       ? 
_cell.length_b_esd       ? 
_cell.length_c_esd       ? 
_cell.angle_alpha_esd    ? 
_cell.angle_beta_esd     ? 
_cell.angle_gamma_esd    ? 
# 
_symmetry.entry_id                         1P79 
_symmetry.space_group_name_H-M             'P 4 21 2' 
_symmetry.pdbx_full_space_group_name_H-M   ? 
_symmetry.cell_setting                     ? 
_symmetry.Int_Tables_number                90 
_symmetry.space_group_name_Hall            ? 
# 
_exptl.entry_id          1P79 
_exptl.method            'X-RAY DIFFRACTION' 
_exptl.crystals_number   1 
# 
_exptl_crystal.id                    1 
_exptl_crystal.density_meas          ? 
_exptl_crystal.density_percent_sol   31.15 
_exptl_crystal.description           ? 
_exptl_crystal.density_Matthews      1.79 
_exptl_crystal.F_000                 ? 
_exptl_crystal.preparation           ? 
# 
_exptl_crystal_grow.crystal_id      1 
_exptl_crystal_grow.method          'VAPOR DIFFUSION, HANGING DROP' 
_exptl_crystal_grow.temp            293 
_exptl_crystal_grow.temp_details    ? 
_exptl_crystal_grow.pH              6.0 
_exptl_crystal_grow.pdbx_details    
'spermine, potassium chloride, MPD, cacodylate, pH 6.0, VAPOR DIFFUSION, HANGING DROP, temperature 293K' 
_exptl_crystal_grow.pdbx_pH_range   . 
# 
loop_
_exptl_crystal_grow_comp.crystal_id 
_exptl_crystal_grow_comp.id 
_exptl_crystal_grow_comp.sol_id 
_exptl_crystal_grow_comp.name 
_exptl_crystal_grow_comp.volume 
_exptl_crystal_grow_comp.conc 
_exptl_crystal_grow_comp.details 
1 1 1 spermine             ? ? ? 
1 2 1 'potassium chloride' ? ? ? 
1 3 1 MPD                  ? ? ? 
1 4 1 cacodylate           ? ? ? 
1 5 2 'potassium chloride' ? ? ? 
1 6 2 MPD                  ? ? ? 
# 
_diffrn.id                     1 
_diffrn.ambient_temp           100 
_diffrn.ambient_temp_details   ? 
_diffrn.crystal_id             1 
# 
_diffrn_detector.diffrn_id              1 
_diffrn_detector.detector               CCD 
_diffrn_detector.type                   'ADSC QUANTUM 4' 
_diffrn_detector.pdbx_collection_date   2001-08-20 
_diffrn_detector.details                ? 
# 
_diffrn_radiation.diffrn_id                        1 
_diffrn_radiation.wavelength_id                    1 
_diffrn_radiation.pdbx_monochromatic_or_laue_m_l   M 
_diffrn_radiation.monochromator                    ? 
_diffrn_radiation.pdbx_diffrn_protocol             MAD 
_diffrn_radiation.pdbx_scattering_type             x-ray 
# 
_diffrn_radiation_wavelength.id           1 
_diffrn_radiation_wavelength.wavelength   0.8985 
_diffrn_radiation_wavelength.wt           1.0 
# 
_diffrn_source.diffrn_id                   1 
_diffrn_source.source                      SYNCHROTRON 
_diffrn_source.type                        'APS BEAMLINE 14-BM-D' 
_diffrn_source.pdbx_synchrotron_site       APS 
_diffrn_source.pdbx_synchrotron_beamline   14-BM-D 
_diffrn_source.pdbx_wavelength             ? 
_diffrn_source.pdbx_wavelength_list        0.8985 
# 
_reflns.entry_id                     1P79 
_reflns.observed_criterion_sigma_F   0.0 
_reflns.observed_criterion_sigma_I   0.0 
_reflns.d_resolution_high            1.1 
_reflns.d_resolution_low             16.55 
_reflns.number_all                   ? 
_reflns.number_obs                   5690 
_reflns.percent_possible_obs         95.3 
_reflns.pdbx_Rmerge_I_obs            ? 
_reflns.pdbx_Rsym_value              0.037 
_reflns.pdbx_netI_over_sigmaI        23 
_reflns.B_iso_Wilson_estimate        ? 
_reflns.pdbx_redundancy              20 
_reflns.R_free_details               ? 
_reflns.pdbx_chi_squared             ? 
_reflns.pdbx_scaling_rejects         ? 
_reflns.pdbx_diffrn_id               1 
_reflns.pdbx_ordinal                 1 
# 
_reflns_shell.d_res_high             1.10 
_reflns_shell.d_res_low              1.14 
_reflns_shell.percent_possible_all   71.9 
_reflns_shell.Rmerge_I_obs           ? 
_reflns_shell.pdbx_Rsym_value        0.088 
_reflns_shell.meanI_over_sigI_obs    ? 
_reflns_shell.pdbx_redundancy        ? 
_reflns_shell.percent_possible_obs   ? 
_reflns_shell.number_unique_all      770 
_reflns_shell.number_measured_all    ? 
_reflns_shell.number_measured_obs    ? 
_reflns_shell.number_unique_obs      ? 
_reflns_shell.pdbx_chi_squared       ? 
_reflns_shell.pdbx_diffrn_id         ? 
_reflns_shell.pdbx_ordinal           1 
# 
_refine.entry_id                                 1P79 
_refine.ls_number_reflns_obs                     5382 
_refine.ls_number_reflns_all                     ? 
_refine.pdbx_ls_sigma_I                          ? 
_refine.pdbx_ls_sigma_F                          2.0 
_refine.pdbx_data_cutoff_high_absF               ? 
_refine.pdbx_data_cutoff_low_absF                ? 
_refine.pdbx_data_cutoff_high_rms_absF           ? 
_refine.ls_d_res_low                             16.55 
_refine.ls_d_res_high                            1.10 
_refine.ls_percent_reflns_obs                    94.82 
_refine.ls_R_factor_obs                          0.12733 
_refine.ls_R_factor_all                          ? 
_refine.ls_R_factor_R_work                       0.12678 
_refine.ls_R_factor_R_free                       0.13607 
_refine.ls_R_factor_R_free_error                 ? 
_refine.ls_R_factor_R_free_error_details         ? 
_refine.ls_percent_reflns_R_free                 5.4 
_refine.ls_number_reflns_R_free                  308 
_refine.ls_number_parameters                     ? 
_refine.ls_number_restraints                     ? 
_refine.occupancy_min                            ? 
_refine.occupancy_max                            ? 
_refine.correlation_coeff_Fo_to_Fc               0.962 
_refine.correlation_coeff_Fo_to_Fc_free          0.964 
_refine.B_iso_mean                               6.497 
_refine.aniso_B[1][1]                            -0.26 
_refine.aniso_B[2][2]                            -0.26 
_refine.aniso_B[3][3]                            0.53 
_refine.aniso_B[1][2]                            0.00 
_refine.aniso_B[1][3]                            0.00 
_refine.aniso_B[2][3]                            0.00 
_refine.solvent_model_details                    'BABINET MODEL WITH MASK' 
_refine.solvent_model_param_ksol                 ? 
_refine.solvent_model_param_bsol                 ? 
_refine.pdbx_solvent_vdw_probe_radii             1.40 
_refine.pdbx_solvent_ion_probe_radii             0.80 
_refine.pdbx_solvent_shrinkage_radii             0.80 
_refine.pdbx_ls_cross_valid_method               THROUGHOUT 
_refine.details                                  
'extra hydrogen on G 2 of chain A was removed. HYDROGENS HAVE BEEN ADDED IN THE RIDING POSITIONS.' 
_refine.pdbx_starting_model                      ? 
_refine.pdbx_method_to_determine_struct          MAD 
_refine.pdbx_isotropic_thermal_model             ? 
_refine.pdbx_stereochemistry_target_values       'MAXIMUM LIKELIHOOD' 
_refine.pdbx_stereochem_target_val_spec_case     ? 
_refine.pdbx_R_Free_selection_details            RANDOM 
_refine.pdbx_overall_ESU_R                       0.027 
_refine.pdbx_overall_ESU_R_Free                  0.025 
_refine.overall_SU_ML                            0.013 
_refine.overall_SU_B                             0.242 
_refine.ls_redundancy_reflns_obs                 ? 
_refine.overall_SU_R_Cruickshank_DPI             ? 
_refine.overall_SU_R_free                        ? 
_refine.pdbx_refine_id                           'X-RAY DIFFRACTION' 
_refine.pdbx_overall_phase_error                 ? 
_refine.ls_wR_factor_R_free                      ? 
_refine.ls_wR_factor_R_work                      ? 
_refine.overall_FOM_free_R_set                   ? 
_refine.overall_FOM_work_R_set                   ? 
_refine.pdbx_diffrn_id                           1 
_refine.pdbx_TLS_residual_ADP_flag               ? 
_refine.pdbx_overall_SU_R_free_Cruickshank_DPI   ? 
_refine.pdbx_overall_SU_R_Blow_DPI               ? 
_refine.pdbx_overall_SU_R_free_Blow_DPI          ? 
# 
_refine_hist.pdbx_refine_id                   'X-RAY DIFFRACTION' 
_refine_hist.cycle_id                         LAST 
_refine_hist.pdbx_number_atoms_protein        0 
_refine_hist.pdbx_number_atoms_nucleic_acid   162 
_refine_hist.pdbx_number_atoms_ligand         3 
_refine_hist.number_atoms_solvent             90 
_refine_hist.number_atoms_total               255 
_refine_hist.d_res_high                       1.10 
_refine_hist.d_res_low                        16.55 
# 
loop_
_refine_ls_restr.type 
_refine_ls_restr.dev_ideal 
_refine_ls_restr.dev_ideal_target 
_refine_ls_restr.weight 
_refine_ls_restr.number 
_refine_ls_restr.pdbx_refine_id 
_refine_ls_restr.pdbx_restraint_function 
r_bond_refined_d         0.010 0.021 ? 120 'X-RAY DIFFRACTION' ? 
r_bond_other_d           0.003 0.020 ? 43  'X-RAY DIFFRACTION' ? 
r_angle_refined_deg      1.607 3.000 ? 185 'X-RAY DIFFRACTION' ? 
r_angle_other_deg        2.098 3.000 ? 111 'X-RAY DIFFRACTION' ? 
r_dihedral_angle_1_deg   ?     ?     ? ?   'X-RAY DIFFRACTION' ? 
r_dihedral_angle_2_deg   ?     ?     ? ?   'X-RAY DIFFRACTION' ? 
r_chiral_restr           0.123 0.200 ? 19  'X-RAY DIFFRACTION' ? 
r_gen_planes_refined     0.032 0.020 ? 54  'X-RAY DIFFRACTION' ? 
r_gen_planes_other       ?     ?     ? ?   'X-RAY DIFFRACTION' ? 
r_nbd_refined            0.412 0.200 ? 24  'X-RAY DIFFRACTION' ? 
r_nbd_other              0.196 0.200 ? 39  'X-RAY DIFFRACTION' ? 
r_nbtor_other            0.096 0.200 ? 29  'X-RAY DIFFRACTION' ? 
r_xyhbond_nbd_refined    0.121 0.200 ? 20  'X-RAY DIFFRACTION' ? 
r_xyhbond_nbd_other      ?     ?     ? ?   'X-RAY DIFFRACTION' ? 
r_symmetry_vdw_refined   0.752 0.200 ? 20  'X-RAY DIFFRACTION' ? 
r_symmetry_vdw_other     0.346 0.200 ? 31  'X-RAY DIFFRACTION' ? 
r_symmetry_hbond_refined 0.099 0.200 ? 6   'X-RAY DIFFRACTION' ? 
r_symmetry_hbond_other   ?     ?     ? ?   'X-RAY DIFFRACTION' ? 
r_mcbond_it              ?     ?     ? ?   'X-RAY DIFFRACTION' ? 
r_mcangle_it             ?     ?     ? ?   'X-RAY DIFFRACTION' ? 
r_scbond_it              1.539 3.000 ? 120 'X-RAY DIFFRACTION' ? 
r_scangle_it             2.065 4.500 ? 185 'X-RAY DIFFRACTION' ? 
r_rigid_bond_restr       0.855 2.000 ? 120 'X-RAY DIFFRACTION' ? 
r_sphericity_free        8.627 5.000 ? 34  'X-RAY DIFFRACTION' ? 
r_sphericity_bonded      2.673 5.000 ? 108 'X-RAY DIFFRACTION' ? 
# 
_refine_ls_shell.pdbx_total_number_of_bins_used   10 
_refine_ls_shell.d_res_high                       1.100 
_refine_ls_shell.d_res_low                        1.160 
_refine_ls_shell.number_reflns_R_work             589 
_refine_ls_shell.R_factor_R_work                  0.08 
_refine_ls_shell.percent_reflns_obs               ? 
_refine_ls_shell.R_factor_R_free                  0.11 
_refine_ls_shell.R_factor_R_free_error            ? 
_refine_ls_shell.percent_reflns_R_free            ? 
_refine_ls_shell.number_reflns_R_free             34 
_refine_ls_shell.redundancy_reflns_obs            ? 
_refine_ls_shell.pdbx_refine_id                   'X-RAY DIFFRACTION' 
_refine_ls_shell.number_reflns_all                ? 
_refine_ls_shell.number_reflns_obs                ? 
_refine_ls_shell.R_factor_all                     ? 
# 
_struct.entry_id                  1P79 
_struct.title                     
'Crystal structure of a bulged RNA tetraplex: implications for a novel binding site in RNA tetraplex' 
_struct.pdbx_model_details        ? 
_struct.pdbx_CASP_flag            ? 
_struct.pdbx_model_type_details   ? 
# 
_struct_keywords.entry_id        1P79 
_struct_keywords.pdbx_keywords   RNA 
_struct_keywords.text            'RNA, TETRAPLEX, BULGE' 
# 
loop_
_struct_asym.id 
_struct_asym.pdbx_blank_PDB_chainid_flag 
_struct_asym.pdbx_modified 
_struct_asym.entity_id 
_struct_asym.details 
A N N 1 ? 
B N N 2 ? 
C N N 2 ? 
D N N 2 ? 
E N N 3 ? 
# 
_struct_ref.id                         1 
_struct_ref.entity_id                  1 
_struct_ref.db_name                    PDB 
_struct_ref.db_code                    1P79 
_struct_ref.pdbx_db_accession          1P79 
_struct_ref.pdbx_align_begin           ? 
_struct_ref.pdbx_seq_one_letter_code   ? 
_struct_ref.pdbx_db_isoform            ? 
# 
_struct_ref_seq.align_id                      1 
_struct_ref_seq.ref_id                        1 
_struct_ref_seq.pdbx_PDB_id_code              1P79 
_struct_ref_seq.pdbx_strand_id                A 
_struct_ref_seq.seq_align_beg                 1 
_struct_ref_seq.pdbx_seq_align_beg_ins_code   ? 
_struct_ref_seq.seq_align_end                 6 
_struct_ref_seq.pdbx_seq_align_end_ins_code   ? 
_struct_ref_seq.pdbx_db_accession             1P79 
_struct_ref_seq.db_align_beg                  1 
_struct_ref_seq.pdbx_db_align_beg_ins_code    ? 
_struct_ref_seq.db_align_end                  6 
_struct_ref_seq.pdbx_db_align_end_ins_code    ? 
_struct_ref_seq.pdbx_auth_seq_align_beg       1 
_struct_ref_seq.pdbx_auth_seq_align_end       6 
# 
_pdbx_struct_assembly.id                   1 
_pdbx_struct_assembly.details              author_defined_assembly 
_pdbx_struct_assembly.method_details       ? 
_pdbx_struct_assembly.oligomeric_details   tetrameric 
_pdbx_struct_assembly.oligomeric_count     4 
# 
_pdbx_struct_assembly_gen.assembly_id       1 
_pdbx_struct_assembly_gen.oper_expression   1,2,3,4 
_pdbx_struct_assembly_gen.asym_id_list      A,B,C,D,E 
# 
loop_
_pdbx_struct_oper_list.id 
_pdbx_struct_oper_list.type 
_pdbx_struct_oper_list.name 
_pdbx_struct_oper_list.symmetry_operation 
_pdbx_struct_oper_list.matrix[1][1] 
_pdbx_struct_oper_list.matrix[1][2] 
_pdbx_struct_oper_list.matrix[1][3] 
_pdbx_struct_oper_list.vector[1] 
_pdbx_struct_oper_list.matrix[2][1] 
_pdbx_struct_oper_list.matrix[2][2] 
_pdbx_struct_oper_list.matrix[2][3] 
_pdbx_struct_oper_list.vector[2] 
_pdbx_struct_oper_list.matrix[3][1] 
_pdbx_struct_oper_list.matrix[3][2] 
_pdbx_struct_oper_list.matrix[3][3] 
_pdbx_struct_oper_list.vector[3] 
1 'identity operation'         1_555 x,y,z             1.0000000000  0.0000000000  0.0000000000  0.0000000000  0.0000000000  1.0000000000  0.0000000000  0.0000000000  0.0000000000  0.0000000000  1.0000000000  0.0000000000   
2 'crystal symmetry operation' 7_556 y,x,-z+1          -0.1848847143 -0.9234539146 0.3362298469  8.5449520271  -0.9234539146 0.0461920509  -0.3809188391 3.0681719702  0.3362298469  -0.3809188391 -0.8613073366 -12.2886341994 
3 'crystal symmetry operation' 6_556 x+1/2,-y+1/2,-z+1 0.7677123132  -0.4456264479 -0.4604724456 14.9727118170 -0.4456264479 -0.8876610580 0.1160815019  -5.6527969556 -0.4604724456 0.1160815019  -0.8800512552 -8.5378562900  
4 'crystal symmetry operation' 3_555 -y+1/2,x+1/2,z    0.1147526362  0.9411336630  -0.3179610996 8.1261418438  -0.5541287110 0.3262949721  0.7658152276  -7.7673213477 0.8244835985  0.0883120581  0.5589523918  2.2526135184  
# 
_struct_biol.id                    1 
_struct_biol.pdbx_parent_biol_id   ? 
_struct_biol.details               ? 
# 
loop_
_struct_conn.id 
_struct_conn.conn_type_id 
_struct_conn.pdbx_leaving_atom_flag 
_struct_conn.pdbx_PDB_id 
_struct_conn.ptnr1_label_asym_id 
_struct_conn.ptnr1_label_comp_id 
_struct_conn.ptnr1_label_seq_id 
_struct_conn.ptnr1_label_atom_id 
_struct_conn.pdbx_ptnr1_label_alt_id 
_struct_conn.pdbx_ptnr1_PDB_ins_code 
_struct_conn.pdbx_ptnr1_standard_comp_id 
_struct_conn.ptnr1_symmetry 
_struct_conn.ptnr2_label_asym_id 
_struct_conn.ptnr2_label_comp_id 
_struct_conn.ptnr2_label_seq_id 
_struct_conn.ptnr2_label_atom_id 
_struct_conn.pdbx_ptnr2_label_alt_id 
_struct_conn.pdbx_ptnr2_PDB_ins_code 
_struct_conn.ptnr1_auth_asym_id 
_struct_conn.ptnr1_auth_comp_id 
_struct_conn.ptnr1_auth_seq_id 
_struct_conn.ptnr2_auth_asym_id 
_struct_conn.ptnr2_auth_comp_id 
_struct_conn.ptnr2_auth_seq_id 
_struct_conn.ptnr2_symmetry 
_struct_conn.pdbx_ptnr3_label_atom_id 
_struct_conn.pdbx_ptnr3_label_seq_id 
_struct_conn.pdbx_ptnr3_label_comp_id 
_struct_conn.pdbx_ptnr3_label_asym_id 
_struct_conn.pdbx_ptnr3_label_alt_id 
_struct_conn.pdbx_ptnr3_PDB_ins_code 
_struct_conn.details 
_struct_conn.pdbx_dist_value 
_struct_conn.pdbx_value_order 
_struct_conn.pdbx_role 
metalc1  metalc ? ? A G 2 O6 ? ? ? 1_555 D K . K  ? ? A G 2   A K 203 1_555 ? ? ? ? ? ? ?             2.690 ? ? 
metalc2  metalc ? ? A G 2 O6 ? ? ? 2_565 D K . K  ? ? A G 2   A K 203 1_555 ? ? ? ? ? ? ?             2.691 ? ? 
metalc3  metalc ? ? A G 2 O6 ? ? ? 3_555 D K . K  ? ? A G 2   A K 203 1_555 ? ? ? ? ? ? ?             2.690 ? ? 
metalc4  metalc ? ? A G 2 O6 ? ? ? 4_455 D K . K  ? ? A G 2   A K 203 1_555 ? ? ? ? ? ? ?             2.691 ? ? 
metalc5  metalc ? ? A G 4 O6 ? ? ? 1_555 C K . K  ? ? A G 4   A K 202 1_555 ? ? ? ? ? ? ?             2.740 ? ? 
metalc6  metalc ? ? A G 4 O6 ? ? ? 4_455 C K . K  ? ? A G 4   A K 202 1_555 ? ? ? ? ? ? ?             2.740 ? ? 
metalc7  metalc ? ? A G 4 O6 ? ? ? 2_565 C K . K  ? ? A G 4   A K 202 1_555 ? ? ? ? ? ? ?             2.740 ? ? 
metalc8  metalc ? ? A G 4 O6 ? ? ? 3_555 C K . K  ? ? A G 4   A K 202 1_555 ? ? ? ? ? ? ?             2.740 ? ? 
metalc9  metalc ? ? A G 4 O6 ? ? ? 1_555 D K . K  ? ? A G 4   A K 203 1_555 ? ? ? ? ? ? ?             2.949 ? ? 
metalc10 metalc ? ? A G 4 O6 ? ? ? 4_455 D K . K  ? ? A G 4   A K 203 1_555 ? ? ? ? ? ? ?             2.950 ? ? 
metalc11 metalc ? ? A G 4 O6 ? ? ? 2_565 D K . K  ? ? A G 4   A K 203 1_555 ? ? ? ? ? ? ?             2.951 ? ? 
metalc12 metalc ? ? A G 4 O6 ? ? ? 3_555 D K . K  ? ? A G 4   A K 203 1_555 ? ? ? ? ? ? ?             2.950 ? ? 
metalc13 metalc ? ? A G 5 O6 ? ? ? 1_555 B K . K  ? ? A G 5   A K 201 1_555 ? ? ? ? ? ? ?             2.918 ? ? 
metalc14 metalc ? ? A G 5 O6 ? ? ? 4_455 B K . K  ? ? A G 5   A K 201 1_555 ? ? ? ? ? ? ?             2.917 ? ? 
metalc15 metalc ? ? A G 5 O6 ? ? ? 2_565 B K . K  ? ? A G 5   A K 201 1_555 ? ? ? ? ? ? ?             2.917 ? ? 
metalc16 metalc ? ? A G 5 O6 ? ? ? 3_555 B K . K  ? ? A G 5   A K 201 1_555 ? ? ? ? ? ? ?             2.918 ? ? 
metalc17 metalc ? ? A G 5 O6 ? ? ? 1_555 C K . K  ? ? A G 5   A K 202 1_555 ? ? ? ? ? ? ?             2.773 ? ? 
metalc18 metalc ? ? A G 5 O6 ? ? ? 4_455 C K . K  ? ? A G 5   A K 202 1_555 ? ? ? ? ? ? ?             2.773 ? ? 
metalc19 metalc ? ? A G 5 O6 ? ? ? 2_565 C K . K  ? ? A G 5   A K 202 1_555 ? ? ? ? ? ? ?             2.773 ? ? 
metalc20 metalc ? ? A G 5 O6 ? ? ? 3_555 C K . K  ? ? A G 5   A K 202 1_555 ? ? ? ? ? ? ?             2.773 ? ? 
metalc21 metalc ? ? A U 6 O4 ? ? ? 1_555 B K . K  ? ? A U 6   A K 201 1_555 ? ? ? ? ? ? ?             2.717 ? ? 
metalc22 metalc ? ? A U 6 O4 ? ? ? 2_565 B K . K  ? ? A U 6   A K 201 1_555 ? ? ? ? ? ? ?             2.716 ? ? 
metalc23 metalc ? ? A U 6 O4 ? ? ? 3_555 B K . K  ? ? A U 6   A K 201 1_555 ? ? ? ? ? ? ?             2.717 ? ? 
metalc24 metalc ? ? A U 6 O4 ? ? ? 4_455 B K . K  ? ? A U 6   A K 201 1_555 ? ? ? ? ? ? ?             2.716 ? ? 
metalc25 metalc ? ? B K . K  ? ? ? 1_555 C K . K  ? ? A K 201 A K 202 1_555 ? ? ? ? ? ? ?             3.396 ? ? 
metalc26 metalc ? ? B K . K  ? ? ? 1_555 C K . K  ? ? A K 201 A K 202 2_565 ? ? ? ? ? ? ?             3.396 ? ? 
metalc27 metalc ? ? B K . K  ? ? ? 1_555 C K . K  ? ? A K 201 A K 202 3_555 ? ? ? ? ? ? ?             3.396 ? ? 
metalc28 metalc ? ? B K . K  ? ? ? 1_555 C K . K  ? ? A K 201 A K 202 4_455 ? ? ? ? ? ? ?             3.396 ? ? 
metalc29 metalc ? ? C K . K  ? ? ? 1_555 D K . K  ? ? A K 202 A K 203 1_555 ? ? ? ? ? ? ?             3.413 ? ? 
metalc30 metalc ? ? C K . K  ? ? ? 1_555 D K . K  ? ? A K 202 A K 203 2_565 ? ? ? ? ? ? ?             3.413 ? ? 
metalc31 metalc ? ? C K . K  ? ? ? 1_555 D K . K  ? ? A K 202 A K 203 3_555 ? ? ? ? ? ? ?             3.413 ? ? 
metalc32 metalc ? ? C K . K  ? ? ? 1_555 D K . K  ? ? A K 202 A K 203 4_455 ? ? ? ? ? ? ?             3.413 ? ? 
hydrog1  hydrog ? ? A G 2 N7 ? ? ? 1_555 A G 2 N2 ? ? A G 2   A G 2   4_455 ? ? ? ? ? ? TYPE_6_PAIR   ?     ? ? 
hydrog2  hydrog ? ? A G 2 O6 ? ? ? 1_555 A G 2 N1 ? ? A G 2   A G 2   4_455 ? ? ? ? ? ? TYPE_6_PAIR   ?     ? ? 
hydrog3  hydrog ? ? A G 4 N1 ? ? ? 1_555 A G 4 O6 ? ? A G 4   A G 4   4_455 ? ? ? ? ? ? TYPE_6_PAIR   ?     ? ? 
hydrog4  hydrog ? ? A G 4 N2 ? ? ? 1_555 A G 4 N7 ? ? A G 4   A G 4   4_455 ? ? ? ? ? ? TYPE_6_PAIR   ?     ? ? 
hydrog5  hydrog ? ? A G 5 N1 ? ? ? 1_555 A G 5 O6 ? ? A G 5   A G 5   4_455 ? ? ? ? ? ? TYPE_6_PAIR   ?     ? ? 
hydrog6  hydrog ? ? A G 5 N2 ? ? ? 1_555 A G 5 N7 ? ? A G 5   A G 5   4_455 ? ? ? ? ? ? TYPE_6_PAIR   ?     ? ? 
hydrog7  hydrog ? ? A U 6 O4 ? ? ? 1_555 A U 6 N3 ? ? A U 6   A U 6   4_455 ? ? ? ? ? ? 'U-U MISPAIR' ?     ? ? 
# 
loop_
_struct_conn_type.id 
_struct_conn_type.criteria 
_struct_conn_type.reference 
metalc ? ? 
hydrog ? ? 
# 
loop_
_pdbx_struct_conn_angle.id 
_pdbx_struct_conn_angle.ptnr1_label_atom_id 
_pdbx_struct_conn_angle.ptnr1_label_alt_id 
_pdbx_struct_conn_angle.ptnr1_label_asym_id 
_pdbx_struct_conn_angle.ptnr1_label_comp_id 
_pdbx_struct_conn_angle.ptnr1_label_seq_id 
_pdbx_struct_conn_angle.ptnr1_auth_atom_id 
_pdbx_struct_conn_angle.ptnr1_auth_asym_id 
_pdbx_struct_conn_angle.ptnr1_auth_comp_id 
_pdbx_struct_conn_angle.ptnr1_auth_seq_id 
_pdbx_struct_conn_angle.ptnr1_PDB_ins_code 
_pdbx_struct_conn_angle.ptnr1_symmetry 
_pdbx_struct_conn_angle.ptnr2_label_atom_id 
_pdbx_struct_conn_angle.ptnr2_label_alt_id 
_pdbx_struct_conn_angle.ptnr2_label_asym_id 
_pdbx_struct_conn_angle.ptnr2_label_comp_id 
_pdbx_struct_conn_angle.ptnr2_label_seq_id 
_pdbx_struct_conn_angle.ptnr2_auth_atom_id 
_pdbx_struct_conn_angle.ptnr2_auth_asym_id 
_pdbx_struct_conn_angle.ptnr2_auth_comp_id 
_pdbx_struct_conn_angle.ptnr2_auth_seq_id 
_pdbx_struct_conn_angle.ptnr2_PDB_ins_code 
_pdbx_struct_conn_angle.ptnr2_symmetry 
_pdbx_struct_conn_angle.ptnr3_label_atom_id 
_pdbx_struct_conn_angle.ptnr3_label_alt_id 
_pdbx_struct_conn_angle.ptnr3_label_asym_id 
_pdbx_struct_conn_angle.ptnr3_label_comp_id 
_pdbx_struct_conn_angle.ptnr3_label_seq_id 
_pdbx_struct_conn_angle.ptnr3_auth_atom_id 
_pdbx_struct_conn_angle.ptnr3_auth_asym_id 
_pdbx_struct_conn_angle.ptnr3_auth_comp_id 
_pdbx_struct_conn_angle.ptnr3_auth_seq_id 
_pdbx_struct_conn_angle.ptnr3_PDB_ins_code 
_pdbx_struct_conn_angle.ptnr3_symmetry 
_pdbx_struct_conn_angle.value 
_pdbx_struct_conn_angle.value_esd 
1   O6 ? A G 2 ? A G 2   ? 1_555 K ? D K . ? A K 203 ? 1_555 O6 ? A G 2 ? A G 2   ? 2_565 125.2 ? 
2   O6 ? A G 2 ? A G 2   ? 1_555 K ? D K . ? A K 203 ? 1_555 O6 ? A G 2 ? A G 2   ? 3_555 77.8  ? 
3   O6 ? A G 2 ? A G 2   ? 2_565 K ? D K . ? A K 203 ? 1_555 O6 ? A G 2 ? A G 2   ? 3_555 77.8  ? 
4   O6 ? A G 2 ? A G 2   ? 1_555 K ? D K . ? A K 203 ? 1_555 O6 ? A G 2 ? A G 2   ? 4_455 77.8  ? 
5   O6 ? A G 2 ? A G 2   ? 2_565 K ? D K . ? A K 203 ? 1_555 O6 ? A G 2 ? A G 2   ? 4_455 77.8  ? 
6   O6 ? A G 2 ? A G 2   ? 3_555 K ? D K . ? A K 203 ? 1_555 O6 ? A G 2 ? A G 2   ? 4_455 125.2 ? 
7   O6 ? A G 2 ? A G 2   ? 1_555 K ? D K . ? A K 203 ? 1_555 O6 ? A G 4 ? A G 4   ? 1_555 68.9  ? 
8   O6 ? A G 2 ? A G 2   ? 2_565 K ? D K . ? A K 203 ? 1_555 O6 ? A G 4 ? A G 4   ? 1_555 161.2 ? 
9   O6 ? A G 2 ? A G 2   ? 3_555 K ? D K . ? A K 203 ? 1_555 O6 ? A G 4 ? A G 4   ? 1_555 95.3  ? 
10  O6 ? A G 2 ? A G 2   ? 4_455 K ? D K . ? A K 203 ? 1_555 O6 ? A G 4 ? A G 4   ? 1_555 119.7 ? 
11  O6 ? A G 2 ? A G 2   ? 1_555 K ? D K . ? A K 203 ? 1_555 O6 ? A G 4 ? A G 4   ? 4_455 95.3  ? 
12  O6 ? A G 2 ? A G 2   ? 2_565 K ? D K . ? A K 203 ? 1_555 O6 ? A G 4 ? A G 4   ? 4_455 119.6 ? 
13  O6 ? A G 2 ? A G 2   ? 3_555 K ? D K . ? A K 203 ? 1_555 O6 ? A G 4 ? A G 4   ? 4_455 161.3 ? 
14  O6 ? A G 2 ? A G 2   ? 4_455 K ? D K . ? A K 203 ? 1_555 O6 ? A G 4 ? A G 4   ? 4_455 68.9  ? 
15  O6 ? A G 4 ? A G 4   ? 1_555 K ? D K . ? A K 203 ? 1_555 O6 ? A G 4 ? A G 4   ? 4_455 66.0  ? 
16  O6 ? A G 2 ? A G 2   ? 1_555 K ? D K . ? A K 203 ? 1_555 O6 ? A G 4 ? A G 4   ? 2_565 161.2 ? 
17  O6 ? A G 2 ? A G 2   ? 2_565 K ? D K . ? A K 203 ? 1_555 O6 ? A G 4 ? A G 4   ? 2_565 68.9  ? 
18  O6 ? A G 2 ? A G 2   ? 3_555 K ? D K . ? A K 203 ? 1_555 O6 ? A G 4 ? A G 4   ? 2_565 119.7 ? 
19  O6 ? A G 2 ? A G 2   ? 4_455 K ? D K . ? A K 203 ? 1_555 O6 ? A G 4 ? A G 4   ? 2_565 95.3  ? 
20  O6 ? A G 4 ? A G 4   ? 1_555 K ? D K . ? A K 203 ? 1_555 O6 ? A G 4 ? A G 4   ? 2_565 100.7 ? 
21  O6 ? A G 4 ? A G 4   ? 4_455 K ? D K . ? A K 203 ? 1_555 O6 ? A G 4 ? A G 4   ? 2_565 66.0  ? 
22  O6 ? A G 2 ? A G 2   ? 1_555 K ? D K . ? A K 203 ? 1_555 O6 ? A G 4 ? A G 4   ? 3_555 119.7 ? 
23  O6 ? A G 2 ? A G 2   ? 2_565 K ? D K . ? A K 203 ? 1_555 O6 ? A G 4 ? A G 4   ? 3_555 95.3  ? 
24  O6 ? A G 2 ? A G 2   ? 3_555 K ? D K . ? A K 203 ? 1_555 O6 ? A G 4 ? A G 4   ? 3_555 68.9  ? 
25  O6 ? A G 2 ? A G 2   ? 4_455 K ? D K . ? A K 203 ? 1_555 O6 ? A G 4 ? A G 4   ? 3_555 161.2 ? 
26  O6 ? A G 4 ? A G 4   ? 1_555 K ? D K . ? A K 203 ? 1_555 O6 ? A G 4 ? A G 4   ? 3_555 66.0  ? 
27  O6 ? A G 4 ? A G 4   ? 4_455 K ? D K . ? A K 203 ? 1_555 O6 ? A G 4 ? A G 4   ? 3_555 100.7 ? 
28  O6 ? A G 4 ? A G 4   ? 2_565 K ? D K . ? A K 203 ? 1_555 O6 ? A G 4 ? A G 4   ? 3_555 66.0  ? 
29  O6 ? A G 4 ? A G 4   ? 1_555 K ? C K . ? A K 202 ? 1_555 O6 ? A G 4 ? A G 4   ? 4_455 71.8  ? 
30  O6 ? A G 4 ? A G 4   ? 1_555 K ? C K . ? A K 202 ? 1_555 O6 ? A G 4 ? A G 4   ? 2_565 112.0 ? 
31  O6 ? A G 4 ? A G 4   ? 4_455 K ? C K . ? A K 202 ? 1_555 O6 ? A G 4 ? A G 4   ? 2_565 71.8  ? 
32  O6 ? A G 4 ? A G 4   ? 1_555 K ? C K . ? A K 202 ? 1_555 O6 ? A G 4 ? A G 4   ? 3_555 71.8  ? 
33  O6 ? A G 4 ? A G 4   ? 4_455 K ? C K . ? A K 202 ? 1_555 O6 ? A G 4 ? A G 4   ? 3_555 112.0 ? 
34  O6 ? A G 4 ? A G 4   ? 2_565 K ? C K . ? A K 202 ? 1_555 O6 ? A G 4 ? A G 4   ? 3_555 71.8  ? 
35  O6 ? A G 4 ? A G 4   ? 1_555 K ? C K . ? A K 202 ? 1_555 O6 ? A G 5 ? A G 5   ? 1_555 73.6  ? 
36  O6 ? A G 4 ? A G 4   ? 4_455 K ? C K . ? A K 202 ? 1_555 O6 ? A G 5 ? A G 5   ? 1_555 89.6  ? 
37  O6 ? A G 4 ? A G 4   ? 2_565 K ? C K . ? A K 202 ? 1_555 O6 ? A G 5 ? A G 5   ? 1_555 156.6 ? 
38  O6 ? A G 4 ? A G 4   ? 3_555 K ? C K . ? A K 202 ? 1_555 O6 ? A G 5 ? A G 5   ? 1_555 129.9 ? 
39  O6 ? A G 4 ? A G 4   ? 1_555 K ? C K . ? A K 202 ? 1_555 O6 ? A G 5 ? A G 5   ? 4_455 129.9 ? 
40  O6 ? A G 4 ? A G 4   ? 4_455 K ? C K . ? A K 202 ? 1_555 O6 ? A G 5 ? A G 5   ? 4_455 73.6  ? 
41  O6 ? A G 4 ? A G 4   ? 2_565 K ? C K . ? A K 202 ? 1_555 O6 ? A G 5 ? A G 5   ? 4_455 89.6  ? 
42  O6 ? A G 4 ? A G 4   ? 3_555 K ? C K . ? A K 202 ? 1_555 O6 ? A G 5 ? A G 5   ? 4_455 156.6 ? 
43  O6 ? A G 5 ? A G 5   ? 1_555 K ? C K . ? A K 202 ? 1_555 O6 ? A G 5 ? A G 5   ? 4_455 71.1  ? 
44  O6 ? A G 4 ? A G 4   ? 1_555 K ? C K . ? A K 202 ? 1_555 O6 ? A G 5 ? A G 5   ? 2_565 156.6 ? 
45  O6 ? A G 4 ? A G 4   ? 4_455 K ? C K . ? A K 202 ? 1_555 O6 ? A G 5 ? A G 5   ? 2_565 129.9 ? 
46  O6 ? A G 4 ? A G 4   ? 2_565 K ? C K . ? A K 202 ? 1_555 O6 ? A G 5 ? A G 5   ? 2_565 73.6  ? 
47  O6 ? A G 4 ? A G 4   ? 3_555 K ? C K . ? A K 202 ? 1_555 O6 ? A G 5 ? A G 5   ? 2_565 89.6  ? 
48  O6 ? A G 5 ? A G 5   ? 1_555 K ? C K . ? A K 202 ? 1_555 O6 ? A G 5 ? A G 5   ? 2_565 110.7 ? 
49  O6 ? A G 5 ? A G 5   ? 4_455 K ? C K . ? A K 202 ? 1_555 O6 ? A G 5 ? A G 5   ? 2_565 71.1  ? 
50  O6 ? A G 4 ? A G 4   ? 1_555 K ? C K . ? A K 202 ? 1_555 O6 ? A G 5 ? A G 5   ? 3_555 89.6  ? 
51  O6 ? A G 4 ? A G 4   ? 4_455 K ? C K . ? A K 202 ? 1_555 O6 ? A G 5 ? A G 5   ? 3_555 156.6 ? 
52  O6 ? A G 4 ? A G 4   ? 2_565 K ? C K . ? A K 202 ? 1_555 O6 ? A G 5 ? A G 5   ? 3_555 129.9 ? 
53  O6 ? A G 4 ? A G 4   ? 3_555 K ? C K . ? A K 202 ? 1_555 O6 ? A G 5 ? A G 5   ? 3_555 73.6  ? 
54  O6 ? A G 5 ? A G 5   ? 1_555 K ? C K . ? A K 202 ? 1_555 O6 ? A G 5 ? A G 5   ? 3_555 71.1  ? 
55  O6 ? A G 5 ? A G 5   ? 4_455 K ? C K . ? A K 202 ? 1_555 O6 ? A G 5 ? A G 5   ? 3_555 110.7 ? 
56  O6 ? A G 5 ? A G 5   ? 2_565 K ? C K . ? A K 202 ? 1_555 O6 ? A G 5 ? A G 5   ? 3_555 71.1  ? 
57  O6 ? A G 4 ? A G 4   ? 1_555 K ? C K . ? A K 202 ? 1_555 K  ? D K . ? A K 203 ? 1_555 56.0  ? 
58  O6 ? A G 4 ? A G 4   ? 4_455 K ? C K . ? A K 202 ? 1_555 K  ? D K . ? A K 203 ? 1_555 56.0  ? 
59  O6 ? A G 4 ? A G 4   ? 2_565 K ? C K . ? A K 202 ? 1_555 K  ? D K . ? A K 203 ? 1_555 56.0  ? 
60  O6 ? A G 4 ? A G 4   ? 3_555 K ? C K . ? A K 202 ? 1_555 K  ? D K . ? A K 203 ? 1_555 56.0  ? 
61  O6 ? A G 5 ? A G 5   ? 1_555 K ? C K . ? A K 202 ? 1_555 K  ? D K . ? A K 203 ? 1_555 124.6 ? 
62  O6 ? A G 5 ? A G 5   ? 4_455 K ? C K . ? A K 202 ? 1_555 K  ? D K . ? A K 203 ? 1_555 124.7 ? 
63  O6 ? A G 5 ? A G 5   ? 2_565 K ? C K . ? A K 202 ? 1_555 K  ? D K . ? A K 203 ? 1_555 124.7 ? 
64  O6 ? A G 5 ? A G 5   ? 3_555 K ? C K . ? A K 202 ? 1_555 K  ? D K . ? A K 203 ? 1_555 124.7 ? 
65  O6 ? A G 4 ? A G 4   ? 1_555 K ? C K . ? A K 202 ? 1_555 K  ? D K . ? A K 203 ? 2_565 56.0  ? 
66  O6 ? A G 4 ? A G 4   ? 4_455 K ? C K . ? A K 202 ? 1_555 K  ? D K . ? A K 203 ? 2_565 56.0  ? 
67  O6 ? A G 4 ? A G 4   ? 2_565 K ? C K . ? A K 202 ? 1_555 K  ? D K . ? A K 203 ? 2_565 56.0  ? 
68  O6 ? A G 4 ? A G 4   ? 3_555 K ? C K . ? A K 202 ? 1_555 K  ? D K . ? A K 203 ? 2_565 56.0  ? 
69  O6 ? A G 5 ? A G 5   ? 1_555 K ? C K . ? A K 202 ? 1_555 K  ? D K . ? A K 203 ? 2_565 124.7 ? 
70  O6 ? A G 5 ? A G 5   ? 4_455 K ? C K . ? A K 202 ? 1_555 K  ? D K . ? A K 203 ? 2_565 124.7 ? 
71  O6 ? A G 5 ? A G 5   ? 2_565 K ? C K . ? A K 202 ? 1_555 K  ? D K . ? A K 203 ? 2_565 124.6 ? 
72  O6 ? A G 5 ? A G 5   ? 3_555 K ? C K . ? A K 202 ? 1_555 K  ? D K . ? A K 203 ? 2_565 124.7 ? 
73  K  ? D K . ? A K 203 ? 1_555 K ? C K . ? A K 202 ? 1_555 K  ? D K . ? A K 203 ? 2_565 0.0   ? 
74  O6 ? A G 4 ? A G 4   ? 1_555 K ? C K . ? A K 202 ? 1_555 K  ? D K . ? A K 203 ? 3_555 56.0  ? 
75  O6 ? A G 4 ? A G 4   ? 4_455 K ? C K . ? A K 202 ? 1_555 K  ? D K . ? A K 203 ? 3_555 56.0  ? 
76  O6 ? A G 4 ? A G 4   ? 2_565 K ? C K . ? A K 202 ? 1_555 K  ? D K . ? A K 203 ? 3_555 56.0  ? 
77  O6 ? A G 4 ? A G 4   ? 3_555 K ? C K . ? A K 202 ? 1_555 K  ? D K . ? A K 203 ? 3_555 56.0  ? 
78  O6 ? A G 5 ? A G 5   ? 1_555 K ? C K . ? A K 202 ? 1_555 K  ? D K . ? A K 203 ? 3_555 124.7 ? 
79  O6 ? A G 5 ? A G 5   ? 4_455 K ? C K . ? A K 202 ? 1_555 K  ? D K . ? A K 203 ? 3_555 124.7 ? 
80  O6 ? A G 5 ? A G 5   ? 2_565 K ? C K . ? A K 202 ? 1_555 K  ? D K . ? A K 203 ? 3_555 124.7 ? 
81  O6 ? A G 5 ? A G 5   ? 3_555 K ? C K . ? A K 202 ? 1_555 K  ? D K . ? A K 203 ? 3_555 124.6 ? 
82  K  ? D K . ? A K 203 ? 1_555 K ? C K . ? A K 202 ? 1_555 K  ? D K . ? A K 203 ? 3_555 0.0   ? 
83  K  ? D K . ? A K 203 ? 2_565 K ? C K . ? A K 202 ? 1_555 K  ? D K . ? A K 203 ? 3_555 0.0   ? 
84  O6 ? A G 4 ? A G 4   ? 1_555 K ? C K . ? A K 202 ? 1_555 K  ? D K . ? A K 203 ? 4_455 56.0  ? 
85  O6 ? A G 4 ? A G 4   ? 4_455 K ? C K . ? A K 202 ? 1_555 K  ? D K . ? A K 203 ? 4_455 56.0  ? 
86  O6 ? A G 4 ? A G 4   ? 2_565 K ? C K . ? A K 202 ? 1_555 K  ? D K . ? A K 203 ? 4_455 56.0  ? 
87  O6 ? A G 4 ? A G 4   ? 3_555 K ? C K . ? A K 202 ? 1_555 K  ? D K . ? A K 203 ? 4_455 56.0  ? 
88  O6 ? A G 5 ? A G 5   ? 1_555 K ? C K . ? A K 202 ? 1_555 K  ? D K . ? A K 203 ? 4_455 124.7 ? 
89  O6 ? A G 5 ? A G 5   ? 4_455 K ? C K . ? A K 202 ? 1_555 K  ? D K . ? A K 203 ? 4_455 124.6 ? 
90  O6 ? A G 5 ? A G 5   ? 2_565 K ? C K . ? A K 202 ? 1_555 K  ? D K . ? A K 203 ? 4_455 124.7 ? 
91  O6 ? A G 5 ? A G 5   ? 3_555 K ? C K . ? A K 202 ? 1_555 K  ? D K . ? A K 203 ? 4_455 124.7 ? 
92  K  ? D K . ? A K 203 ? 1_555 K ? C K . ? A K 202 ? 1_555 K  ? D K . ? A K 203 ? 4_455 0.0   ? 
93  K  ? D K . ? A K 203 ? 2_565 K ? C K . ? A K 202 ? 1_555 K  ? D K . ? A K 203 ? 4_455 0.0   ? 
94  K  ? D K . ? A K 203 ? 3_555 K ? C K . ? A K 202 ? 1_555 K  ? D K . ? A K 203 ? 4_455 0.0   ? 
95  O6 ? A G 5 ? A G 5   ? 1_555 K ? B K . ? A K 201 ? 1_555 O6 ? A G 5 ? A G 5   ? 4_455 67.1  ? 
96  O6 ? A G 5 ? A G 5   ? 1_555 K ? B K . ? A K 201 ? 1_555 O6 ? A G 5 ? A G 5   ? 2_565 102.9 ? 
97  O6 ? A G 5 ? A G 5   ? 4_455 K ? B K . ? A K 201 ? 1_555 O6 ? A G 5 ? A G 5   ? 2_565 67.1  ? 
98  O6 ? A G 5 ? A G 5   ? 1_555 K ? B K . ? A K 201 ? 1_555 O6 ? A G 5 ? A G 5   ? 3_555 67.1  ? 
99  O6 ? A G 5 ? A G 5   ? 4_455 K ? B K . ? A K 201 ? 1_555 O6 ? A G 5 ? A G 5   ? 3_555 102.9 ? 
100 O6 ? A G 5 ? A G 5   ? 2_565 K ? B K . ? A K 201 ? 1_555 O6 ? A G 5 ? A G 5   ? 3_555 67.1  ? 
101 O6 ? A G 5 ? A G 5   ? 1_555 K ? B K . ? A K 201 ? 1_555 O4 ? A U 6 ? A U 6   ? 1_555 67.1  ? 
102 O6 ? A G 5 ? A G 5   ? 4_455 K ? B K . ? A K 201 ? 1_555 O4 ? A U 6 ? A U 6   ? 1_555 97.6  ? 
103 O6 ? A G 5 ? A G 5   ? 2_565 K ? B K . ? A K 201 ? 1_555 O4 ? A U 6 ? A U 6   ? 1_555 164.5 ? 
104 O6 ? A G 5 ? A G 5   ? 3_555 K ? B K . ? A K 201 ? 1_555 O4 ? A U 6 ? A U 6   ? 1_555 116.2 ? 
105 O6 ? A G 5 ? A G 5   ? 1_555 K ? B K . ? A K 201 ? 1_555 O4 ? A U 6 ? A U 6   ? 2_565 164.5 ? 
106 O6 ? A G 5 ? A G 5   ? 4_455 K ? B K . ? A K 201 ? 1_555 O4 ? A U 6 ? A U 6   ? 2_565 116.3 ? 
107 O6 ? A G 5 ? A G 5   ? 2_565 K ? B K . ? A K 201 ? 1_555 O4 ? A U 6 ? A U 6   ? 2_565 67.1  ? 
108 O6 ? A G 5 ? A G 5   ? 3_555 K ? B K . ? A K 201 ? 1_555 O4 ? A U 6 ? A U 6   ? 2_565 97.6  ? 
109 O4 ? A U 6 ? A U 6   ? 1_555 K ? B K . ? A K 201 ? 1_555 O4 ? A U 6 ? A U 6   ? 2_565 125.2 ? 
110 O6 ? A G 5 ? A G 5   ? 1_555 K ? B K . ? A K 201 ? 1_555 O4 ? A U 6 ? A U 6   ? 3_555 97.5  ? 
111 O6 ? A G 5 ? A G 5   ? 4_455 K ? B K . ? A K 201 ? 1_555 O4 ? A U 6 ? A U 6   ? 3_555 164.4 ? 
112 O6 ? A G 5 ? A G 5   ? 2_565 K ? B K . ? A K 201 ? 1_555 O4 ? A U 6 ? A U 6   ? 3_555 116.3 ? 
113 O6 ? A G 5 ? A G 5   ? 3_555 K ? B K . ? A K 201 ? 1_555 O4 ? A U 6 ? A U 6   ? 3_555 67.1  ? 
114 O4 ? A U 6 ? A U 6   ? 1_555 K ? B K . ? A K 201 ? 1_555 O4 ? A U 6 ? A U 6   ? 3_555 77.7  ? 
115 O4 ? A U 6 ? A U 6   ? 2_565 K ? B K . ? A K 201 ? 1_555 O4 ? A U 6 ? A U 6   ? 3_555 77.8  ? 
116 O6 ? A G 5 ? A G 5   ? 1_555 K ? B K . ? A K 201 ? 1_555 O4 ? A U 6 ? A U 6   ? 4_455 116.3 ? 
117 O6 ? A G 5 ? A G 5   ? 4_455 K ? B K . ? A K 201 ? 1_555 O4 ? A U 6 ? A U 6   ? 4_455 67.1  ? 
118 O6 ? A G 5 ? A G 5   ? 2_565 K ? B K . ? A K 201 ? 1_555 O4 ? A U 6 ? A U 6   ? 4_455 97.6  ? 
119 O6 ? A G 5 ? A G 5   ? 3_555 K ? B K . ? A K 201 ? 1_555 O4 ? A U 6 ? A U 6   ? 4_455 164.5 ? 
120 O4 ? A U 6 ? A U 6   ? 1_555 K ? B K . ? A K 201 ? 1_555 O4 ? A U 6 ? A U 6   ? 4_455 77.8  ? 
121 O4 ? A U 6 ? A U 6   ? 2_565 K ? B K . ? A K 201 ? 1_555 O4 ? A U 6 ? A U 6   ? 4_455 77.8  ? 
122 O4 ? A U 6 ? A U 6   ? 3_555 K ? B K . ? A K 201 ? 1_555 O4 ? A U 6 ? A U 6   ? 4_455 125.2 ? 
123 O6 ? A G 5 ? A G 5   ? 1_555 K ? B K . ? A K 201 ? 1_555 K  ? C K . ? A K 202 ? 1_555 51.4  ? 
124 O6 ? A G 5 ? A G 5   ? 4_455 K ? B K . ? A K 201 ? 1_555 K  ? C K . ? A K 202 ? 1_555 51.4  ? 
125 O6 ? A G 5 ? A G 5   ? 2_565 K ? B K . ? A K 201 ? 1_555 K  ? C K . ? A K 202 ? 1_555 51.4  ? 
126 O6 ? A G 5 ? A G 5   ? 3_555 K ? B K . ? A K 201 ? 1_555 K  ? C K . ? A K 202 ? 1_555 51.4  ? 
127 O4 ? A U 6 ? A U 6   ? 1_555 K ? B K . ? A K 201 ? 1_555 K  ? C K . ? A K 202 ? 1_555 117.4 ? 
128 O4 ? A U 6 ? A U 6   ? 2_565 K ? B K . ? A K 201 ? 1_555 K  ? C K . ? A K 202 ? 1_555 117.4 ? 
129 O4 ? A U 6 ? A U 6   ? 3_555 K ? B K . ? A K 201 ? 1_555 K  ? C K . ? A K 202 ? 1_555 117.4 ? 
130 O4 ? A U 6 ? A U 6   ? 4_455 K ? B K . ? A K 201 ? 1_555 K  ? C K . ? A K 202 ? 1_555 117.4 ? 
131 O6 ? A G 5 ? A G 5   ? 1_555 K ? B K . ? A K 201 ? 1_555 K  ? C K . ? A K 202 ? 2_565 51.4  ? 
132 O6 ? A G 5 ? A G 5   ? 4_455 K ? B K . ? A K 201 ? 1_555 K  ? C K . ? A K 202 ? 2_565 51.4  ? 
133 O6 ? A G 5 ? A G 5   ? 2_565 K ? B K . ? A K 201 ? 1_555 K  ? C K . ? A K 202 ? 2_565 51.4  ? 
134 O6 ? A G 5 ? A G 5   ? 3_555 K ? B K . ? A K 201 ? 1_555 K  ? C K . ? A K 202 ? 2_565 51.4  ? 
135 O4 ? A U 6 ? A U 6   ? 1_555 K ? B K . ? A K 201 ? 1_555 K  ? C K . ? A K 202 ? 2_565 117.4 ? 
136 O4 ? A U 6 ? A U 6   ? 2_565 K ? B K . ? A K 201 ? 1_555 K  ? C K . ? A K 202 ? 2_565 117.4 ? 
137 O4 ? A U 6 ? A U 6   ? 3_555 K ? B K . ? A K 201 ? 1_555 K  ? C K . ? A K 202 ? 2_565 117.4 ? 
138 O4 ? A U 6 ? A U 6   ? 4_455 K ? B K . ? A K 201 ? 1_555 K  ? C K . ? A K 202 ? 2_565 117.4 ? 
139 K  ? C K . ? A K 202 ? 1_555 K ? B K . ? A K 201 ? 1_555 K  ? C K . ? A K 202 ? 2_565 0.0   ? 
140 O6 ? A G 5 ? A G 5   ? 1_555 K ? B K . ? A K 201 ? 1_555 K  ? C K . ? A K 202 ? 3_555 51.4  ? 
141 O6 ? A G 5 ? A G 5   ? 4_455 K ? B K . ? A K 201 ? 1_555 K  ? C K . ? A K 202 ? 3_555 51.4  ? 
142 O6 ? A G 5 ? A G 5   ? 2_565 K ? B K . ? A K 201 ? 1_555 K  ? C K . ? A K 202 ? 3_555 51.4  ? 
143 O6 ? A G 5 ? A G 5   ? 3_555 K ? B K . ? A K 201 ? 1_555 K  ? C K . ? A K 202 ? 3_555 51.4  ? 
144 O4 ? A U 6 ? A U 6   ? 1_555 K ? B K . ? A K 201 ? 1_555 K  ? C K . ? A K 202 ? 3_555 117.4 ? 
145 O4 ? A U 6 ? A U 6   ? 2_565 K ? B K . ? A K 201 ? 1_555 K  ? C K . ? A K 202 ? 3_555 117.4 ? 
146 O4 ? A U 6 ? A U 6   ? 3_555 K ? B K . ? A K 201 ? 1_555 K  ? C K . ? A K 202 ? 3_555 117.4 ? 
147 O4 ? A U 6 ? A U 6   ? 4_455 K ? B K . ? A K 201 ? 1_555 K  ? C K . ? A K 202 ? 3_555 117.4 ? 
148 K  ? C K . ? A K 202 ? 1_555 K ? B K . ? A K 201 ? 1_555 K  ? C K . ? A K 202 ? 3_555 0.0   ? 
149 K  ? C K . ? A K 202 ? 2_565 K ? B K . ? A K 201 ? 1_555 K  ? C K . ? A K 202 ? 3_555 0.0   ? 
150 O6 ? A G 5 ? A G 5   ? 1_555 K ? B K . ? A K 201 ? 1_555 K  ? C K . ? A K 202 ? 4_455 51.4  ? 
151 O6 ? A G 5 ? A G 5   ? 4_455 K ? B K . ? A K 201 ? 1_555 K  ? C K . ? A K 202 ? 4_455 51.4  ? 
152 O6 ? A G 5 ? A G 5   ? 2_565 K ? B K . ? A K 201 ? 1_555 K  ? C K . ? A K 202 ? 4_455 51.4  ? 
153 O6 ? A G 5 ? A G 5   ? 3_555 K ? B K . ? A K 201 ? 1_555 K  ? C K . ? A K 202 ? 4_455 51.4  ? 
154 O4 ? A U 6 ? A U 6   ? 1_555 K ? B K . ? A K 201 ? 1_555 K  ? C K . ? A K 202 ? 4_455 117.4 ? 
155 O4 ? A U 6 ? A U 6   ? 2_565 K ? B K . ? A K 201 ? 1_555 K  ? C K . ? A K 202 ? 4_455 117.4 ? 
156 O4 ? A U 6 ? A U 6   ? 3_555 K ? B K . ? A K 201 ? 1_555 K  ? C K . ? A K 202 ? 4_455 117.4 ? 
157 O4 ? A U 6 ? A U 6   ? 4_455 K ? B K . ? A K 201 ? 1_555 K  ? C K . ? A K 202 ? 4_455 117.4 ? 
158 K  ? C K . ? A K 202 ? 1_555 K ? B K . ? A K 201 ? 1_555 K  ? C K . ? A K 202 ? 4_455 0.0   ? 
159 K  ? C K . ? A K 202 ? 2_565 K ? B K . ? A K 201 ? 1_555 K  ? C K . ? A K 202 ? 4_455 0.0   ? 
160 K  ? C K . ? A K 202 ? 3_555 K ? B K . ? A K 201 ? 1_555 K  ? C K . ? A K 202 ? 4_455 0.0   ? 
# 
loop_
_struct_site.id 
_struct_site.pdbx_evidence_code 
_struct_site.pdbx_auth_asym_id 
_struct_site.pdbx_auth_comp_id 
_struct_site.pdbx_auth_seq_id 
_struct_site.pdbx_auth_ins_code 
_struct_site.pdbx_num_residues 
_struct_site.details 
AC1 Software A K 201 ? 12 'BINDING SITE FOR RESIDUE K A 201' 
AC2 Software A K 202 ? 16 'BINDING SITE FOR RESIDUE K A 202' 
AC3 Software A K 203 ? 12 'BINDING SITE FOR RESIDUE K A 203' 
# 
loop_
_struct_site_gen.id 
_struct_site_gen.site_id 
_struct_site_gen.pdbx_num_res 
_struct_site_gen.label_comp_id 
_struct_site_gen.label_asym_id 
_struct_site_gen.label_seq_id 
_struct_site_gen.pdbx_auth_ins_code 
_struct_site_gen.auth_comp_id 
_struct_site_gen.auth_asym_id 
_struct_site_gen.auth_seq_id 
_struct_site_gen.label_atom_id 
_struct_site_gen.label_alt_id 
_struct_site_gen.symmetry 
_struct_site_gen.details 
1  AC1 12 G A 5 ? G A 5   . ? 4_455 ? 
2  AC1 12 G A 5 ? G A 5   . ? 1_555 ? 
3  AC1 12 G A 5 ? G A 5   . ? 2_565 ? 
4  AC1 12 G A 5 ? G A 5   . ? 3_555 ? 
5  AC1 12 U A 6 ? U A 6   . ? 4_455 ? 
6  AC1 12 U A 6 ? U A 6   . ? 1_555 ? 
7  AC1 12 U A 6 ? U A 6   . ? 3_555 ? 
8  AC1 12 U A 6 ? U A 6   . ? 2_565 ? 
9  AC1 12 K C . ? K A 202 . ? 2_565 ? 
10 AC1 12 K C . ? K A 202 . ? 3_555 ? 
11 AC1 12 K C . ? K A 202 . ? 4_455 ? 
12 AC1 12 K C . ? K A 202 . ? 1_555 ? 
13 AC2 16 G A 4 ? G A 4   . ? 4_455 ? 
14 AC2 16 G A 4 ? G A 4   . ? 1_555 ? 
15 AC2 16 G A 4 ? G A 4   . ? 3_555 ? 
16 AC2 16 G A 4 ? G A 4   . ? 2_565 ? 
17 AC2 16 G A 5 ? G A 5   . ? 3_555 ? 
18 AC2 16 G A 5 ? G A 5   . ? 2_565 ? 
19 AC2 16 G A 5 ? G A 5   . ? 1_555 ? 
20 AC2 16 G A 5 ? G A 5   . ? 4_455 ? 
21 AC2 16 K B . ? K A 201 . ? 4_455 ? 
22 AC2 16 K B . ? K A 201 . ? 3_555 ? 
23 AC2 16 K B . ? K A 201 . ? 2_565 ? 
24 AC2 16 K B . ? K A 201 . ? 1_555 ? 
25 AC2 16 K D . ? K A 203 . ? 2_565 ? 
26 AC2 16 K D . ? K A 203 . ? 3_555 ? 
27 AC2 16 K D . ? K A 203 . ? 4_455 ? 
28 AC2 16 K D . ? K A 203 . ? 1_555 ? 
29 AC3 12 G A 2 ? G A 2   . ? 4_455 ? 
30 AC3 12 G A 2 ? G A 2   . ? 1_555 ? 
31 AC3 12 G A 2 ? G A 2   . ? 3_555 ? 
32 AC3 12 G A 2 ? G A 2   . ? 2_565 ? 
33 AC3 12 G A 4 ? G A 4   . ? 2_565 ? 
34 AC3 12 G A 4 ? G A 4   . ? 1_555 ? 
35 AC3 12 G A 4 ? G A 4   . ? 3_555 ? 
36 AC3 12 G A 4 ? G A 4   . ? 4_455 ? 
37 AC3 12 K C . ? K A 202 . ? 4_455 ? 
38 AC3 12 K C . ? K A 202 . ? 3_555 ? 
39 AC3 12 K C . ? K A 202 . ? 2_565 ? 
40 AC3 12 K C . ? K A 202 . ? 1_555 ? 
# 
_pdbx_validate_planes.id              1 
_pdbx_validate_planes.PDB_model_num   1 
_pdbx_validate_planes.auth_comp_id    G 
_pdbx_validate_planes.auth_asym_id    A 
_pdbx_validate_planes.auth_seq_id     4 
_pdbx_validate_planes.PDB_ins_code    ? 
_pdbx_validate_planes.label_alt_id    ? 
_pdbx_validate_planes.rmsd            0.057 
_pdbx_validate_planes.type            'SIDE CHAIN' 
# 
loop_
_pdbx_struct_special_symmetry.id 
_pdbx_struct_special_symmetry.PDB_model_num 
_pdbx_struct_special_symmetry.auth_asym_id 
_pdbx_struct_special_symmetry.auth_comp_id 
_pdbx_struct_special_symmetry.auth_seq_id 
_pdbx_struct_special_symmetry.PDB_ins_code 
_pdbx_struct_special_symmetry.label_asym_id 
_pdbx_struct_special_symmetry.label_comp_id 
_pdbx_struct_special_symmetry.label_seq_id 
1 1 A K   201 ? B K   . 
2 1 A K   202 ? C K   . 
3 1 A K   203 ? D K   . 
4 1 A HOH 115 ? E HOH . 
# 
loop_
_pdbx_refine_tls.id 
_pdbx_refine_tls.details 
_pdbx_refine_tls.method 
_pdbx_refine_tls.origin_x 
_pdbx_refine_tls.origin_y 
_pdbx_refine_tls.origin_z 
_pdbx_refine_tls.T[1][1] 
_pdbx_refine_tls.T[2][2] 
_pdbx_refine_tls.T[3][3] 
_pdbx_refine_tls.T[1][2] 
_pdbx_refine_tls.T[1][3] 
_pdbx_refine_tls.T[2][3] 
_pdbx_refine_tls.L[1][1] 
_pdbx_refine_tls.L[2][2] 
_pdbx_refine_tls.L[3][3] 
_pdbx_refine_tls.L[1][2] 
_pdbx_refine_tls.L[1][3] 
_pdbx_refine_tls.L[2][3] 
_pdbx_refine_tls.S[1][1] 
_pdbx_refine_tls.S[1][2] 
_pdbx_refine_tls.S[1][3] 
_pdbx_refine_tls.S[2][1] 
_pdbx_refine_tls.S[2][2] 
_pdbx_refine_tls.S[2][3] 
_pdbx_refine_tls.S[3][1] 
_pdbx_refine_tls.S[3][2] 
_pdbx_refine_tls.S[3][3] 
_pdbx_refine_tls.pdbx_refine_id 
1 ? refined -1.4462 -4.4851 -4.3578 0.0283 0.0407 0.0360 0.0000  -0.0125 0.0073  5.9973  7.5902 7.2238 6.8122  -4.4041 -5.4783 -0.1528 0.2720  0.1865  -0.2295 0.2679  0.2688  0.2449  -0.1389 -0.1151 'X-RAY DIFFRACTION' 
2 ? refined 5.6069  -1.4500 -3.5653 0.0216 0.0541 0.0315 -0.0002 0.0113  0.0096  2.4585  0.2816 0.0562 1.3693  2.5304  0.5788  0.0167  0.2145  -0.0615 0.0012  0.0446  -0.0836 0.0158  0.0006  -0.0613 'X-RAY DIFFRACTION' 
3 ? refined -1.0896 -0.9893 0.0850  0.0313 0.0372 0.0342 0.0091  0.0016  0.0115  -0.1150 3.4507 2.2456 1.0043  -1.1567 -0.4220 0.1056  0.0877  0.0721  -0.0526 -0.0655 0.0143  -0.0225 -0.1071 -0.0400 'X-RAY DIFFRACTION' 
4 ? refined -2.8648 0.6618  4.3594  0.0365 0.0217 0.0419 0.0019  0.0059  0.0001  1.2437  1.5519 3.0651 -0.0034 -1.5177 -0.8771 0.0274  -0.0167 0.1395  0.0792  0.1066  -0.0430 -0.0741 -0.1104 -0.1339 'X-RAY DIFFRACTION' 
5 ? refined 0.5685  2.7310  5.8586  0.0445 0.0059 0.0596 -0.0106 -0.0025 -0.0137 5.8111  0.5418 2.6007 -3.7799 1.5106  -0.3783 0.0342  -0.0892 0.3624  0.1927  -0.1433 -0.1726 -0.1908 0.2543  0.1092  'X-RAY DIFFRACTION' 
# 
loop_
_pdbx_refine_tls_group.id 
_pdbx_refine_tls_group.refine_tls_id 
_pdbx_refine_tls_group.beg_label_asym_id 
_pdbx_refine_tls_group.beg_label_seq_id 
_pdbx_refine_tls_group.beg_auth_seq_id 
_pdbx_refine_tls_group.end_label_asym_id 
_pdbx_refine_tls_group.end_label_seq_id 
_pdbx_refine_tls_group.end_auth_seq_id 
_pdbx_refine_tls_group.selection 
_pdbx_refine_tls_group.beg_auth_asym_id 
_pdbx_refine_tls_group.end_auth_asym_id 
_pdbx_refine_tls_group.pdbx_refine_id 
_pdbx_refine_tls_group.selection_details 
1 1 A 2 2 A 2 2 ? A A 'X-RAY DIFFRACTION' ? 
2 2 A 3 3 A 3 3 ? A A 'X-RAY DIFFRACTION' ? 
3 3 A 4 4 A 4 4 ? A A 'X-RAY DIFFRACTION' ? 
4 4 A 5 5 A 5 5 ? A A 'X-RAY DIFFRACTION' ? 
5 5 A 6 6 A 6 6 ? A A 'X-RAY DIFFRACTION' ? 
# 
_pdbx_unobs_or_zero_occ_residues.id               1 
_pdbx_unobs_or_zero_occ_residues.PDB_model_num    1 
_pdbx_unobs_or_zero_occ_residues.polymer_flag     Y 
_pdbx_unobs_or_zero_occ_residues.occupancy_flag   1 
_pdbx_unobs_or_zero_occ_residues.auth_asym_id     A 
_pdbx_unobs_or_zero_occ_residues.auth_comp_id     U 
_pdbx_unobs_or_zero_occ_residues.auth_seq_id      1 
_pdbx_unobs_or_zero_occ_residues.PDB_ins_code     ? 
_pdbx_unobs_or_zero_occ_residues.label_asym_id    A 
_pdbx_unobs_or_zero_occ_residues.label_comp_id    U 
_pdbx_unobs_or_zero_occ_residues.label_seq_id     1 
# 
loop_
_chem_comp_atom.comp_id 
_chem_comp_atom.atom_id 
_chem_comp_atom.type_symbol 
_chem_comp_atom.pdbx_aromatic_flag 
_chem_comp_atom.pdbx_stereo_config 
_chem_comp_atom.pdbx_ordinal 
G   OP3    O N N 1  
G   P      P N N 2  
G   OP1    O N N 3  
G   OP2    O N N 4  
G   "O5'"  O N N 5  
G   "C5'"  C N N 6  
G   "C4'"  C N R 7  
G   "O4'"  O N N 8  
G   "C3'"  C N S 9  
G   "O3'"  O N N 10 
G   "C2'"  C N R 11 
G   "O2'"  O N N 12 
G   "C1'"  C N R 13 
G   N9     N Y N 14 
G   C8     C Y N 15 
G   N7     N Y N 16 
G   C5     C Y N 17 
G   C6     C N N 18 
G   O6     O N N 19 
G   N1     N N N 20 
G   C2     C N N 21 
G   N2     N N N 22 
G   N3     N N N 23 
G   C4     C Y N 24 
G   HOP3   H N N 25 
G   HOP2   H N N 26 
G   "H5'"  H N N 27 
G   "H5''" H N N 28 
G   "H4'"  H N N 29 
G   "H3'"  H N N 30 
G   "HO3'" H N N 31 
G   "H2'"  H N N 32 
G   "HO2'" H N N 33 
G   "H1'"  H N N 34 
G   H8     H N N 35 
G   H1     H N N 36 
G   H21    H N N 37 
G   H22    H N N 38 
HOH O      O N N 39 
HOH H1     H N N 40 
HOH H2     H N N 41 
K   K      K N N 42 
U   OP3    O N N 43 
U   P      P N N 44 
U   OP1    O N N 45 
U   OP2    O N N 46 
U   "O5'"  O N N 47 
U   "C5'"  C N N 48 
U   "C4'"  C N R 49 
U   "O4'"  O N N 50 
U   "C3'"  C N S 51 
U   "O3'"  O N N 52 
U   "C2'"  C N R 53 
U   "O2'"  O N N 54 
U   "C1'"  C N R 55 
U   N1     N N N 56 
U   C2     C N N 57 
U   O2     O N N 58 
U   N3     N N N 59 
U   C4     C N N 60 
U   O4     O N N 61 
U   C5     C N N 62 
U   C6     C N N 63 
U   HOP3   H N N 64 
U   HOP2   H N N 65 
U   "H5'"  H N N 66 
U   "H5''" H N N 67 
U   "H4'"  H N N 68 
U   "H3'"  H N N 69 
U   "HO3'" H N N 70 
U   "H2'"  H N N 71 
U   "HO2'" H N N 72 
U   "H1'"  H N N 73 
U   H3     H N N 74 
U   H5     H N N 75 
U   H6     H N N 76 
# 
loop_
_chem_comp_bond.comp_id 
_chem_comp_bond.atom_id_1 
_chem_comp_bond.atom_id_2 
_chem_comp_bond.value_order 
_chem_comp_bond.pdbx_aromatic_flag 
_chem_comp_bond.pdbx_stereo_config 
_chem_comp_bond.pdbx_ordinal 
G   OP3   P      sing N N 1  
G   OP3   HOP3   sing N N 2  
G   P     OP1    doub N N 3  
G   P     OP2    sing N N 4  
G   P     "O5'"  sing N N 5  
G   OP2   HOP2   sing N N 6  
G   "O5'" "C5'"  sing N N 7  
G   "C5'" "C4'"  sing N N 8  
G   "C5'" "H5'"  sing N N 9  
G   "C5'" "H5''" sing N N 10 
G   "C4'" "O4'"  sing N N 11 
G   "C4'" "C3'"  sing N N 12 
G   "C4'" "H4'"  sing N N 13 
G   "O4'" "C1'"  sing N N 14 
G   "C3'" "O3'"  sing N N 15 
G   "C3'" "C2'"  sing N N 16 
G   "C3'" "H3'"  sing N N 17 
G   "O3'" "HO3'" sing N N 18 
G   "C2'" "O2'"  sing N N 19 
G   "C2'" "C1'"  sing N N 20 
G   "C2'" "H2'"  sing N N 21 
G   "O2'" "HO2'" sing N N 22 
G   "C1'" N9     sing N N 23 
G   "C1'" "H1'"  sing N N 24 
G   N9    C8     sing Y N 25 
G   N9    C4     sing Y N 26 
G   C8    N7     doub Y N 27 
G   C8    H8     sing N N 28 
G   N7    C5     sing Y N 29 
G   C5    C6     sing N N 30 
G   C5    C4     doub Y N 31 
G   C6    O6     doub N N 32 
G   C6    N1     sing N N 33 
G   N1    C2     sing N N 34 
G   N1    H1     sing N N 35 
G   C2    N2     sing N N 36 
G   C2    N3     doub N N 37 
G   N2    H21    sing N N 38 
G   N2    H22    sing N N 39 
G   N3    C4     sing N N 40 
HOH O     H1     sing N N 41 
HOH O     H2     sing N N 42 
U   OP3   P      sing N N 43 
U   OP3   HOP3   sing N N 44 
U   P     OP1    doub N N 45 
U   P     OP2    sing N N 46 
U   P     "O5'"  sing N N 47 
U   OP2   HOP2   sing N N 48 
U   "O5'" "C5'"  sing N N 49 
U   "C5'" "C4'"  sing N N 50 
U   "C5'" "H5'"  sing N N 51 
U   "C5'" "H5''" sing N N 52 
U   "C4'" "O4'"  sing N N 53 
U   "C4'" "C3'"  sing N N 54 
U   "C4'" "H4'"  sing N N 55 
U   "O4'" "C1'"  sing N N 56 
U   "C3'" "O3'"  sing N N 57 
U   "C3'" "C2'"  sing N N 58 
U   "C3'" "H3'"  sing N N 59 
U   "O3'" "HO3'" sing N N 60 
U   "C2'" "O2'"  sing N N 61 
U   "C2'" "C1'"  sing N N 62 
U   "C2'" "H2'"  sing N N 63 
U   "O2'" "HO2'" sing N N 64 
U   "C1'" N1     sing N N 65 
U   "C1'" "H1'"  sing N N 66 
U   N1    C2     sing N N 67 
U   N1    C6     sing N N 68 
U   C2    O2     doub N N 69 
U   C2    N3     sing N N 70 
U   N3    C4     sing N N 71 
U   N3    H3     sing N N 72 
U   C4    O4     doub N N 73 
U   C4    C5     sing N N 74 
U   C5    C6     doub N N 75 
U   C5    H5     sing N N 76 
U   C6    H6     sing N N 77 
# 
loop_
_ndb_struct_conf_na.entry_id 
_ndb_struct_conf_na.feature 
1P79 'double helix'         
1P79 'parallel strands'     
1P79 'mismatched base pair' 
# 
loop_
_ndb_struct_na_base_pair.model_number 
_ndb_struct_na_base_pair.i_label_asym_id 
_ndb_struct_na_base_pair.i_label_comp_id 
_ndb_struct_na_base_pair.i_label_seq_id 
_ndb_struct_na_base_pair.i_symmetry 
_ndb_struct_na_base_pair.j_label_asym_id 
_ndb_struct_na_base_pair.j_label_comp_id 
_ndb_struct_na_base_pair.j_label_seq_id 
_ndb_struct_na_base_pair.j_symmetry 
_ndb_struct_na_base_pair.shear 
_ndb_struct_na_base_pair.stretch 
_ndb_struct_na_base_pair.stagger 
_ndb_struct_na_base_pair.buckle 
_ndb_struct_na_base_pair.propeller 
_ndb_struct_na_base_pair.opening 
_ndb_struct_na_base_pair.pair_number 
_ndb_struct_na_base_pair.pair_name 
_ndb_struct_na_base_pair.i_auth_asym_id 
_ndb_struct_na_base_pair.i_auth_seq_id 
_ndb_struct_na_base_pair.i_PDB_ins_code 
_ndb_struct_na_base_pair.j_auth_asym_id 
_ndb_struct_na_base_pair.j_auth_seq_id 
_ndb_struct_na_base_pair.j_PDB_ins_code 
_ndb_struct_na_base_pair.hbond_type_28 
_ndb_struct_na_base_pair.hbond_type_12 
1 A U 6 1_555 A U 6 1_555 0.523  2.926  0.513  -9.325 21.086 -87.616 1 A_U6:U6_A A 6 ? A 6 ? ? ? 
1 A G 5 1_555 A G 5 4_455 1.599  3.487  -0.134 7.140  -7.637 -89.520 2 A_G5:G5_A A 5 ? A 5 ? 6 ? 
1 A G 4 1_555 A G 4 1_555 -1.563 -3.480 -0.030 0.768  -1.332 89.990  3 A_G4:G4_A A 4 ? A 4 ? 6 ? 
1 A G 2 1_555 A G 2 1_555 1.740  3.455  -0.104 7.887  -7.401 -89.487 4 A_G2:G2_A A 2 ? A 2 ? 6 ? 
# 
loop_
_ndb_struct_na_base_pair_step.model_number 
_ndb_struct_na_base_pair_step.i_label_asym_id_1 
_ndb_struct_na_base_pair_step.i_label_comp_id_1 
_ndb_struct_na_base_pair_step.i_label_seq_id_1 
_ndb_struct_na_base_pair_step.i_symmetry_1 
_ndb_struct_na_base_pair_step.j_label_asym_id_1 
_ndb_struct_na_base_pair_step.j_label_comp_id_1 
_ndb_struct_na_base_pair_step.j_label_seq_id_1 
_ndb_struct_na_base_pair_step.j_symmetry_1 
_ndb_struct_na_base_pair_step.i_label_asym_id_2 
_ndb_struct_na_base_pair_step.i_label_comp_id_2 
_ndb_struct_na_base_pair_step.i_label_seq_id_2 
_ndb_struct_na_base_pair_step.i_symmetry_2 
_ndb_struct_na_base_pair_step.j_label_asym_id_2 
_ndb_struct_na_base_pair_step.j_label_comp_id_2 
_ndb_struct_na_base_pair_step.j_label_seq_id_2 
_ndb_struct_na_base_pair_step.j_symmetry_2 
_ndb_struct_na_base_pair_step.shift 
_ndb_struct_na_base_pair_step.slide 
_ndb_struct_na_base_pair_step.rise 
_ndb_struct_na_base_pair_step.tilt 
_ndb_struct_na_base_pair_step.roll 
_ndb_struct_na_base_pair_step.twist 
_ndb_struct_na_base_pair_step.x_displacement 
_ndb_struct_na_base_pair_step.y_displacement 
_ndb_struct_na_base_pair_step.helical_rise 
_ndb_struct_na_base_pair_step.inclination 
_ndb_struct_na_base_pair_step.tip 
_ndb_struct_na_base_pair_step.helical_twist 
_ndb_struct_na_base_pair_step.step_number 
_ndb_struct_na_base_pair_step.step_name 
_ndb_struct_na_base_pair_step.i_auth_asym_id_1 
_ndb_struct_na_base_pair_step.i_auth_seq_id_1 
_ndb_struct_na_base_pair_step.i_PDB_ins_code_1 
_ndb_struct_na_base_pair_step.j_auth_asym_id_1 
_ndb_struct_na_base_pair_step.j_auth_seq_id_1 
_ndb_struct_na_base_pair_step.j_PDB_ins_code_1 
_ndb_struct_na_base_pair_step.i_auth_asym_id_2 
_ndb_struct_na_base_pair_step.i_auth_seq_id_2 
_ndb_struct_na_base_pair_step.i_PDB_ins_code_2 
_ndb_struct_na_base_pair_step.j_auth_asym_id_2 
_ndb_struct_na_base_pair_step.j_auth_seq_id_2 
_ndb_struct_na_base_pair_step.j_PDB_ins_code_2 
1 A U 6 1_555 A U 6 1_555 A G 5 1_555 A G 5 4_455 1.733  3.334  -0.801 59.776 -161.863 -135.953 -1.722 0.847 0.204  81.186  29.982 
-177.207 1 AA_U6G5:G5U6_AA A 6 ? A 6 ? A 5 ? A 5 ? 
1 A G 5 1_555 A G 5 4_455 A G 4 1_555 A G 4 1_555 0.500  0.770  -3.089 -3.594 -4.617   -27.974  -2.521 1.761 -2.842 9.420   -7.333 
-28.567  2 AA_G5G4:G4G5_AA A 5 ? A 5 ? A 4 ? A 4 ? 
1 A G 4 1_555 A G 4 1_555 A G 2 1_555 A G 2 1_555 -1.681 -3.329 -0.889 90.757 -149.987 144.033  -1.740 0.795 -0.236 -75.092 
-45.438 178.552  3 AA_G4G2:G2G4_AA A 4 ? A 4 ? A 2 ? A 2 ? 
# 
_atom_sites.entry_id                    1P79 
_atom_sites.fract_transf_matrix[1][1]   0.02685029 
_atom_sites.fract_transf_matrix[1][2]   -0.00676875 
_atom_sites.fract_transf_matrix[1][3]   -0.00699425 
_atom_sites.fract_transf_matrix[2][1]   -0.00106526 
_atom_sites.fract_transf_matrix[2][2]   -0.02244343 
_atom_sites.fract_transf_matrix[2][3]   0.01763041 
_atom_sites.fract_transf_matrix[3][1]   -0.01522011 
_atom_sites.fract_transf_matrix[3][2]   -0.02566502 
_atom_sites.fract_transf_matrix[3][3]   -0.03359107 
_atom_sites.fract_transf_vector[1]      -0.024813 
_atom_sites.fract_transf_vector[2]      0.269804 
_atom_sites.fract_transf_vector[3]      0.398009 
# 
loop_
_atom_type.symbol 
C 
H 
K 
N 
O 
P 
# 
loop_
_atom_site.group_PDB 
_atom_site.id 
_atom_site.type_symbol 
_atom_site.label_atom_id 
_atom_site.label_alt_id 
_atom_site.label_comp_id 
_atom_site.label_asym_id 
_atom_site.label_entity_id 
_atom_site.label_seq_id 
_atom_site.pdbx_PDB_ins_code 
_atom_site.Cartn_x 
_atom_site.Cartn_y 
_atom_site.Cartn_z 
_atom_site.occupancy 
_atom_site.B_iso_or_equiv 
_atom_site.pdbx_formal_charge 
_atom_site.auth_seq_id 
_atom_site.auth_comp_id 
_atom_site.auth_asym_id 
_atom_site.auth_atom_id 
_atom_site.pdbx_PDB_model_num 
ATOM   1   P P      . G   A 1 2 ? -2.743 -5.606 -9.186  1.00 17.33 ? 2   G   A P      1 
ATOM   2   O OP1    . G   A 1 2 ? -4.156 -5.535 -9.631  1.00 18.61 ? 2   G   A OP1    1 
ATOM   3   O OP2    . G   A 1 2 ? -1.636 -5.253 -10.115 1.00 20.19 ? 2   G   A OP2    1 
ATOM   4   O "O5'"  . G   A 1 2 ? -2.531 -4.751 -7.855  1.00 12.48 ? 2   G   A "O5'"  1 
ATOM   5   C "C5'"  . G   A 1 2 ? -1.269 -4.646 -7.221  1.00 9.34  ? 2   G   A "C5'"  1 
ATOM   6   C "C4'"  . G   A 1 2 ? -1.337 -3.490 -6.258  1.00 6.95  ? 2   G   A "C4'"  1 
ATOM   7   O "O4'"  . G   A 1 2 ? -2.312 -3.731 -5.239  1.00 5.91  ? 2   G   A "O4'"  1 
ATOM   8   C "C3'"  . G   A 1 2 ? -0.066 -3.113 -5.523  1.00 5.16  ? 2   G   A "C3'"  1 
ATOM   9   O "O3'"  . G   A 1 2 ? 0.650  -2.221 -6.370  1.00 5.28  ? 2   G   A "O3'"  1 
ATOM   10  C "C2'"  . G   A 1 2 ? -0.591 -2.406 -4.281  1.00 4.77  ? 2   G   A "C2'"  1 
ATOM   11  C "C1'"  . G   A 1 2 ? -1.991 -2.975 -4.078  1.00 4.90  ? 2   G   A "C1'"  1 
ATOM   12  N N9     . G   A 1 2 ? -2.162 -3.880 -2.943  1.00 4.37  ? 2   G   A N9     1 
ATOM   13  C C8     . G   A 1 2 ? -3.313 -4.059 -2.211  1.00 3.46  ? 2   G   A C8     1 
ATOM   14  N N7     . G   A 1 2 ? -3.231 -4.981 -1.307  1.00 3.57  ? 2   G   A N7     1 
ATOM   15  C C5     . G   A 1 2 ? -1.951 -5.475 -1.438  1.00 3.84  ? 2   G   A C5     1 
ATOM   16  C C6     . G   A 1 2 ? -1.318 -6.507 -0.732  1.00 2.91  ? 2   G   A C6     1 
ATOM   17  O O6     . G   A 1 2 ? -1.779 -7.202 0.183   1.00 3.31  ? 2   G   A O6     1 
ATOM   18  N N1     . G   A 1 2 ? -0.031 -6.736 -1.192  1.00 3.04  ? 2   G   A N1     1 
ATOM   19  C C2     . G   A 1 2 ? 0.562  -6.047 -2.236  1.00 3.43  ? 2   G   A C2     1 
ATOM   20  N N2     . G   A 1 2 ? 1.809  -6.404 -2.567  1.00 3.52  ? 2   G   A N2     1 
ATOM   21  N N3     . G   A 1 2 ? -0.030 -5.070 -2.908  1.00 4.08  ? 2   G   A N3     1 
ATOM   22  C C4     . G   A 1 2 ? -1.280 -4.828 -2.445  1.00 4.00  ? 2   G   A C4     1 
ATOM   23  H "H5'"  . G   A 1 2 ? -0.570 -4.480 -7.887  1.00 9.53  ? 2   G   A "H5'"  1 
ATOM   24  H "H5''" . G   A 1 2 ? -1.072 -5.474 -6.733  1.00 9.53  ? 2   G   A "H5''" 1 
ATOM   25  H "H4'"  . G   A 1 2 ? -1.632 -2.704 -6.767  1.00 6.87  ? 2   G   A "H4'"  1 
ATOM   26  H "H3'"  . G   A 1 2 ? 0.462  -3.905 -5.293  1.00 5.45  ? 2   G   A "H3'"  1 
ATOM   27  H "HO2'" . G   A 1 2 ? -0.018 -2.583 -3.508  1.00 4.89  ? 2   G   A "HO2'" 1 
ATOM   28  H "H1'"  . G   A 1 2 ? -2.629 -2.236 -3.991  1.00 4.96  ? 2   G   A "H1'"  1 
ATOM   29  H H8     . G   A 1 2 ? -4.023 -3.387 -2.198  1.00 3.69  ? 2   G   A H8     1 
ATOM   30  H H1     . G   A 1 2 ? 0.188  -7.685 -1.260  1.00 3.07  ? 2   G   A H1     1 
ATOM   31  H H21    . G   A 1 2 ? 2.209  -7.151 -2.122  0.00 4.61  ? 2   G   A H21    1 
ATOM   32  H H22    . G   A 1 2 ? 2.217  -5.972 -3.343  0.00 4.61  ? 2   G   A H22    1 
ATOM   33  P P      . U   A 1 3 ? 2.092  -2.603 -6.939  1.00 5.36  ? 3   U   A P      1 
ATOM   34  O OP1    . U   A 1 3 ? 2.436  -1.522 -7.877  1.00 6.61  ? 3   U   A OP1    1 
ATOM   35  O OP2    . U   A 1 3 ? 2.156  -4.022 -7.382  1.00 6.71  ? 3   U   A OP2    1 
ATOM   36  O "O5'"  . U   A 1 3 ? 3.025  -2.576 -5.664  1.00 4.94  ? 3   U   A "O5'"  1 
ATOM   37  C "C5'"  . U   A 1 3 ? 3.213  -1.369 -4.897  1.00 4.90  ? 3   U   A "C5'"  1 
ATOM   38  C "C4'"  . U   A 1 3 ? 3.719  -1.743 -3.533  1.00 4.62  ? 3   U   A "C4'"  1 
ATOM   39  O "O4'"  . U   A 1 3 ? 5.053  -2.258 -3.656  1.00 5.20  ? 3   U   A "O4'"  1 
ATOM   40  C "C3'"  . U   A 1 3 ? 3.855  -0.567 -2.593  1.00 4.70  ? 3   U   A "C3'"  1 
ATOM   41  O "O3'"  . U   A 1 3 ? 2.600  -0.299 -1.981  1.00 4.88  ? 3   U   A "O3'"  1 
ATOM   42  C "C2'"  . U   A 1 3 ? 4.930  -1.075 -1.622  1.00 4.62  ? 3   U   A "C2'"  1 
ATOM   43  O "O2'"  . U   A 1 3 ? 4.373  -1.835 -0.570  1.00 4.25  ? 3   U   A "O2'"  1 
ATOM   44  C "C1'"  . U   A 1 3 ? 5.761  -2.033 -2.437  1.00 4.84  ? 3   U   A "C1'"  1 
ATOM   45  N N1     . U   A 1 3 ? 7.130  -1.606 -2.780  1.00 5.12  ? 3   U   A N1     1 
ATOM   46  C C2     . U   A 1 3 ? 7.340  -0.371 -3.377  1.00 5.35  ? 3   U   A C2     1 
ATOM   47  O O2     . U   A 1 3 ? 6.428  0.399  -3.644  1.00 6.57  ? 3   U   A O2     1 
ATOM   48  N N3     . U   A 1 3 ? 8.634  -0.085 -3.677  1.00 5.98  ? 3   U   A N3     1 
ATOM   49  C C4     . U   A 1 3 ? 9.734  -0.886 -3.457  1.00 6.19  ? 3   U   A C4     1 
ATOM   50  O O4     . U   A 1 3 ? 10.843 -0.496 -3.818  1.00 7.69  ? 3   U   A O4     1 
ATOM   51  C C5     . U   A 1 3 ? 9.445  -2.154 -2.839  1.00 5.59  ? 3   U   A C5     1 
ATOM   52  C C6     . U   A 1 3 ? 8.187  -2.453 -2.532  1.00 5.10  ? 3   U   A C6     1 
ATOM   53  H "H5'"  . U   A 1 3 ? 2.360  -0.893 -4.809  1.00 4.84  ? 3   U   A "H5'"  1 
ATOM   54  H "H5''" . U   A 1 3 ? 3.866  -0.791 -5.344  1.00 4.84  ? 3   U   A "H5''" 1 
ATOM   55  H "H4'"  . U   A 1 3 ? 3.136  -2.423 -3.134  1.00 4.79  ? 3   U   A "H4'"  1 
ATOM   56  H "H3'"  . U   A 1 3 ? 4.164  0.224  -3.079  1.00 4.70  ? 3   U   A "H3'"  1 
ATOM   57  H "H2'"  . U   A 1 3 ? 5.470  -0.337 -1.272  1.00 4.60  ? 3   U   A "H2'"  1 
ATOM   58  H "HO2'" . U   A 1 3 ? 4.646  -2.715 -0.598  0.00 4.93  ? 3   U   A "HO2'" 1 
ATOM   59  H "H1'"  . U   A 1 3 ? 5.813  -2.875 -1.946  1.00 4.91  ? 3   U   A "H1'"  1 
ATOM   60  H H3     . U   A 1 3 ? 8.840  0.870  -3.650  1.00 5.88  ? 3   U   A H3     1 
ATOM   61  H H5     . U   A 1 3 ? 10.168 -2.790 -2.649  1.00 5.61  ? 3   U   A H5     1 
ATOM   62  H H6     . U   A 1 3 ? 8.037  -3.206 -1.925  1.00 5.21  ? 3   U   A H6     1 
ATOM   63  P P      . G   A 1 4 ? 2.486  0.894  -0.921  1.00 4.25  ? 4   G   A P      1 
ATOM   64  O OP1    . G   A 1 4 ? 3.045  2.122  -1.539  1.00 5.35  ? 4   G   A OP1    1 
ATOM   65  O OP2    . G   A 1 4 ? 3.027  0.446  0.387   1.00 4.52  ? 4   G   A OP2    1 
ATOM   66  O "O5'"  . G   A 1 4 ? 0.911  0.971  -0.778  1.00 5.19  ? 4   G   A "O5'"  1 
ATOM   67  C "C5'"  . G   A 1 4 ? 0.117  1.494  -1.832  1.00 4.80  ? 4   G   A "C5'"  1 
ATOM   68  C "C4'"  . G   A 1 4 ? -1.316 1.072  -1.600  1.00 4.22  ? 4   G   A "C4'"  1 
ATOM   69  O "O4'"  . G   A 1 4 ? -1.446 -0.346 -1.785  1.00 4.23  ? 4   G   A "O4'"  1 
ATOM   70  C "C3'"  . G   A 1 4 ? -1.811 1.327  -0.175  1.00 4.24  ? 4   G   A "C3'"  1 
ATOM   71  O "O3'"  . G   A 1 4 ? -2.339 2.635  -0.058  1.00 5.20  ? 4   G   A "O3'"  1 
ATOM   72  C "C2'"  . G   A 1 4 ? -2.837 0.235  0.058   1.00 4.19  ? 4   G   A "C2'"  1 
ATOM   73  O "O2'"  . G   A 1 4 ? -4.089 0.555  -0.534  1.00 5.21  ? 4   G   A "O2'"  1 
ATOM   74  C "C1'"  . G   A 1 4 ? -2.190 -0.878 -0.708  1.00 4.47  ? 4   G   A "C1'"  1 
ATOM   75  N N9     . G   A 1 4 ? -1.355 -1.838 0.000   1.00 3.48  ? 4   G   A N9     1 
ATOM   76  C C8     . G   A 1 4 ? -0.070 -2.215 -0.329  1.00 4.20  ? 4   G   A C8     1 
ATOM   77  N N7     . G   A 1 4 ? 0.361  -3.246 0.344   1.00 3.57  ? 4   G   A N7     1 
ATOM   78  C C5     . G   A 1 4 ? -0.728 -3.594 1.136   1.00 3.14  ? 4   G   A C5     1 
ATOM   79  C C6     . G   A 1 4 ? -0.900 -4.659 2.024   1.00 3.07  ? 4   G   A C6     1 
ATOM   80  O O6     . G   A 1 4 ? -0.059 -5.552 2.316   1.00 3.07  ? 4   G   A O6     1 
ATOM   81  N N1     . G   A 1 4 ? -2.152 -4.701 2.613   1.00 3.00  ? 4   G   A N1     1 
ATOM   82  C C2     . G   A 1 4 ? -3.141 -3.778 2.355   1.00 3.02  ? 4   G   A C2     1 
ATOM   83  N N2     . G   A 1 4 ? -4.280 -3.925 3.054   1.00 3.38  ? 4   G   A N2     1 
ATOM   84  N N3     . G   A 1 4 ? -3.004 -2.782 1.501   1.00 3.56  ? 4   G   A N3     1 
ATOM   85  C C4     . G   A 1 4 ? -1.791 -2.752 0.913   1.00 3.03  ? 4   G   A C4     1 
ATOM   86  H "H5'"  . G   A 1 4 ? 0.429  1.141  -2.692  1.00 4.75  ? 4   G   A "H5'"  1 
ATOM   87  H "H5''" . G   A 1 4 ? 0.176  2.473  -1.836  1.00 4.75  ? 4   G   A "H5''" 1 
ATOM   88  H "H4'"  . G   A 1 4 ? -1.899 1.537  -2.235  1.00 4.33  ? 4   G   A "H4'"  1 
ATOM   89  H "H3'"  . G   A 1 4 ? -1.080 1.200  0.464   1.00 4.40  ? 4   G   A "H3'"  1 
ATOM   90  H "H2'"  . G   A 1 4 ? -2.925 0.015  1.009   1.00 4.44  ? 4   G   A "H2'"  1 
ATOM   91  H "HO2'" . G   A 1 4 ? -4.238 0.011  -1.300  0.00 5.89  ? 4   G   A "HO2'" 1 
ATOM   92  H "H1'"  . G   A 1 4 ? -2.918 -1.399 -1.106  1.00 4.17  ? 4   G   A "H1'"  1 
ATOM   93  H H8     . G   A 1 4 ? 0.514  -1.683 -0.910  1.00 3.88  ? 4   G   A H8     1 
ATOM   94  H H1     . G   A 1 4 ? -2.549 -5.570 2.773   1.00 2.97  ? 4   G   A H1     1 
ATOM   95  H H21    . G   A 1 4 ? -4.383 -4.645 3.696   0.00 4.10  ? 4   G   A H21    1 
ATOM   96  H H22    . G   A 1 4 ? -5.037 -3.297 2.897   0.00 4.10  ? 4   G   A H22    1 
ATOM   97  P P      . G   A 1 5 ? -1.696 3.685  0.941   1.00 5.32  ? 5   G   A P      1 
ATOM   98  O OP1    . G   A 1 5 ? -2.226 5.000  0.525   1.00 6.13  ? 5   G   A OP1    1 
ATOM   99  O OP2    . G   A 1 5 ? -0.245 3.482  1.035   1.00 6.45  ? 5   G   A OP2    1 
ATOM   100 O "O5'"  . G   A 1 5 ? -2.307 3.289  2.355   1.00 5.18  ? 5   G   A "O5'"  1 
ATOM   101 C "C5'"  . G   A 1 5 ? -3.690 3.547  2.566   1.00 5.09  ? 5   G   A "C5'"  1 
ATOM   102 C "C4'"  . G   A 1 5 ? -4.180 2.752  3.748   1.00 4.89  ? 5   G   A "C4'"  1 
ATOM   103 O "O4'"  . G   A 1 5 ? -4.161 1.350  3.415   1.00 4.33  ? 5   G   A "O4'"  1 
ATOM   104 C "C3'"  . G   A 1 5 ? -3.331 2.828  5.003   1.00 5.12  ? 5   G   A "C3'"  1 
ATOM   105 O "O3'"  . G   A 1 5 ? -3.545 4.062  5.722   1.00 5.97  ? 5   G   A "O3'"  1 
ATOM   106 C "C2'"  . G   A 1 5 ? -3.778 1.596  5.755   1.00 4.34  ? 5   G   A "C2'"  1 
ATOM   107 O "O2'"  . G   A 1 5 ? -4.970 1.804  6.493   1.00 4.71  ? 5   G   A "O2'"  1 
ATOM   108 C "C1'"  . G   A 1 5 ? -3.988 0.612  4.605   1.00 3.88  ? 5   G   A "C1'"  1 
ATOM   109 N N9     . G   A 1 5 ? -2.849 -0.295 4.449   1.00 3.25  ? 5   G   A N9     1 
ATOM   110 C C8     . G   A 1 5 ? -1.692 -0.112 3.716   1.00 3.68  ? 5   G   A C8     1 
ATOM   111 N N7     . G   A 1 5 ? -0.850 -1.105 3.842   1.00 3.55  ? 5   G   A N7     1 
ATOM   112 C C5     . G   A 1 5 ? -1.489 -1.964 4.743   1.00 3.24  ? 5   G   A C5     1 
ATOM   113 C C6     . G   A 1 5 ? -1.087 -3.188 5.292   1.00 3.06  ? 5   G   A C6     1 
ATOM   114 O O6     . G   A 1 5 ? -0.016 -3.799 5.115   1.00 2.85  ? 5   G   A O6     1 
ATOM   115 N N1     . G   A 1 5 ? -2.035 -3.734 6.163   1.00 2.98  ? 5   G   A N1     1 
ATOM   116 C C2     . G   A 1 5 ? -3.244 -3.143 6.464   1.00 3.23  ? 5   G   A C2     1 
ATOM   117 N N2     . G   A 1 5 ? -4.052 -3.784 7.316   1.00 3.85  ? 5   G   A N2     1 
ATOM   118 N N3     . G   A 1 5 ? -3.617 -1.979 5.961   1.00 3.20  ? 5   G   A N3     1 
ATOM   119 C C4     . G   A 1 5 ? -2.717 -1.466 5.111   1.00 3.24  ? 5   G   A C4     1 
ATOM   120 H "H5'"  . G   A 1 5 ? -4.201 3.290  1.770   1.00 5.05  ? 5   G   A "H5'"  1 
ATOM   121 H "H5''" . G   A 1 5 ? -3.819 4.504  2.740   1.00 5.05  ? 5   G   A "H5''" 1 
ATOM   122 H "H4'"  . G   A 1 5 ? -5.098 3.021  3.961   1.00 4.86  ? 5   G   A "H4'"  1 
ATOM   123 H "H3'"  . G   A 1 5 ? -2.385 2.734  4.772   1.00 5.09  ? 5   G   A "H3'"  1 
ATOM   124 H "H2'"  . G   A 1 5 ? -3.059 1.281  6.339   1.00 4.46  ? 5   G   A "H2'"  1 
ATOM   125 H "HO2'" . G   A 1 5 ? -5.698 1.246  6.102   0.00 5.38  ? 5   G   A "HO2'" 1 
ATOM   126 H "H1'"  . G   A 1 5 ? -4.800 0.095  4.779   1.00 3.93  ? 5   G   A "H1'"  1 
ATOM   127 H H8     . G   A 1 5 ? -1.567 0.624  3.081   1.00 3.55  ? 5   G   A H8     1 
ATOM   128 H H1     . G   A 1 5 ? -2.089 -4.698 6.233   1.00 3.03  ? 5   G   A H1     1 
ATOM   129 H H21    . G   A 1 5 ? -3.749 -4.668 7.700   0.00 4.10  ? 5   G   A H21    1 
ATOM   130 H H22    . G   A 1 5 ? -4.894 -3.417 7.618   0.00 4.10  ? 5   G   A H22    1 
ATOM   131 P P      . U   A 1 6 ? -2.416 4.609  6.739   1.00 8.62  ? 6   U   A P      1 
ATOM   132 O OP1    . U   A 1 6 ? -1.965 3.536  7.632   1.00 9.05  ? 6   U   A OP1    1 
ATOM   133 O OP2    . U   A 1 6 ? -2.945 5.855  7.319   1.00 10.59 ? 6   U   A OP2    1 
ATOM   134 O "O5'"  . U   A 1 6 ? -1.257 4.866  5.703   1.00 9.05  ? 6   U   A "O5'"  1 
ATOM   135 C "C5'"  . U   A 1 6 ? -0.128 5.583  6.158   1.00 8.19  ? 6   U   A "C5'"  1 
ATOM   136 C "C4'"  . U   A 1 6 ? 1.106  4.934  5.602   1.00 7.74  ? 6   U   A "C4'"  1 
ATOM   137 O "O4'"  . U   A 1 6 ? 1.324  3.692  6.302   1.00 7.56  ? 6   U   A "O4'"  1 
ATOM   138 C "C3'"  . U   A 1 6 ? 1.047  4.604  4.102   1.00 8.24  ? 6   U   A "C3'"  1 
ATOM   139 O "O3'"  . U   A 1 6 ? 2.246  5.003  3.482   1.00 8.83  ? 6   U   A "O3'"  1 
ATOM   140 C "C2'"  . U   A 1 6 ? 0.835  3.088  4.095   1.00 7.09  ? 6   U   A "C2'"  1 
ATOM   141 O "O2'"  . U   A 1 6 ? 1.297  2.388  2.968   1.00 8.10  ? 6   U   A "O2'"  1 
ATOM   142 C "C1'"  . U   A 1 6 ? 1.631  2.710  5.322   1.00 6.74  ? 6   U   A "C1'"  1 
ATOM   143 N N1     . U   A 1 6 ? 1.341  1.384  5.905   1.00 5.79  ? 6   U   A N1     1 
ATOM   144 C C2     . U   A 1 6 ? 2.274  0.374  5.817   1.00 4.63  ? 6   U   A C2     1 
ATOM   145 O O2     . U   A 1 6 ? 3.340  0.492  5.254   1.00 5.44  ? 6   U   A O2     1 
ATOM   146 N N3     . U   A 1 6 ? 1.904  -0.786 6.432   1.00 4.36  ? 6   U   A N3     1 
ATOM   147 C C4     . U   A 1 6 ? 0.726  -1.016 7.126   1.00 4.21  ? 6   U   A C4     1 
ATOM   148 O O4     . U   A 1 6 ? 0.553  -2.113 7.675   1.00 3.71  ? 6   U   A O4     1 
ATOM   149 C C5     . U   A 1 6 ? -0.191 0.077  7.177   1.00 4.74  ? 6   U   A C5     1 
ATOM   150 C C6     . U   A 1 6 ? 0.150  1.213  6.574   1.00 5.67  ? 6   U   A C6     1 
ATOM   151 H "H5'"  . U   A 1 6 ? -0.089 5.570  7.137   1.00 8.28  ? 6   U   A "H5'"  1 
ATOM   152 H "H5''" . U   A 1 6 ? -0.181 6.510  5.844   1.00 8.28  ? 6   U   A "H5''" 1 
ATOM   153 H "H4'"  . U   A 1 6 ? 1.871  5.525  5.765   1.00 7.88  ? 6   U   A "H4'"  1 
ATOM   154 H "H3'"  . U   A 1 6 ? 0.287  5.054  3.680   1.00 8.03  ? 6   U   A "H3'"  1 
ATOM   155 H "HO3'" . U   A 1 6 ? 2.825  5.476  3.794   0.00 12.65 ? 6   U   A "HO3'" 1 
ATOM   156 H "H2'"  . U   A 1 6 ? -0.113 2.887  4.242   1.00 7.43  ? 6   U   A "H2'"  1 
ATOM   157 H "HO2'" . U   A 1 6 ? 2.143  1.789  3.225   0.00 9.10  ? 6   U   A "HO2'" 1 
ATOM   158 H "H1'"  . U   A 1 6 ? 2.585  2.777  5.107   1.00 6.78  ? 6   U   A "H1'"  1 
ATOM   159 H H3     . U   A 1 6 ? 2.676  -1.100 6.934   1.00 4.38  ? 6   U   A H3     1 
ATOM   160 H H5     . U   A 1 6 ? -1.076 -0.030 7.582   1.00 4.82  ? 6   U   A H5     1 
ATOM   161 H H6     . U   A 1 6 ? -0.576 1.831  6.353   1.00 5.47  ? 6   U   A H6     1 
HETATM 162 K K      . K   B 2 . ? 1.691  -4.560 7.356   0.25 5.45  ? 201 K   A K      1 
HETATM 163 K K      . K   C 2 . ? 0.540  -6.499 4.816   0.25 4.93  ? 202 K   A K      1 
HETATM 164 K K      . K   D 2 . ? -0.616 -8.448 2.264   0.25 4.86  ? 203 K   A K      1 
HETATM 165 O O      . HOH E 3 . ? 4.364  1.305  2.646   1.00 9.86  ? 101 HOH A O      1 
HETATM 166 H H1     . HOH E 3 . ? 4.001  0.564  3.277   0.00 8.41  ? 101 HOH A H1     1 
HETATM 167 H H2     . HOH E 3 . ? 5.223  1.002  2.388   0.00 8.41  ? 101 HOH A H2     1 
HETATM 168 O O      . HOH E 3 . ? -7.307 2.149  5.250   1.00 10.80 ? 102 HOH A O      1 
HETATM 169 H H1     . HOH E 3 . ? -7.577 1.474  5.868   0.00 8.59  ? 102 HOH A H1     1 
HETATM 170 H H2     . HOH E 3 . ? -6.355 1.912  4.980   0.00 8.59  ? 102 HOH A H2     1 
HETATM 171 O O      . HOH E 3 . ? 4.247  -1.516 -9.934  1.00 10.63 ? 103 HOH A O      1 
HETATM 172 H H1     . HOH E 3 . ? 3.988  -2.177 -9.259  0.00 9.65  ? 103 HOH A H1     1 
HETATM 173 H H2     . HOH E 3 . ? 5.211  -1.739 -10.147 0.00 9.65  ? 103 HOH A H2     1 
HETATM 174 O O      . HOH E 3 . ? 11.619 2.123  -4.463  1.00 10.89 ? 104 HOH A O      1 
HETATM 175 H H1     . HOH E 3 . ? 11.337 1.441  -3.836  0.00 7.87  ? 104 HOH A H1     1 
HETATM 176 H H2     . HOH E 3 . ? 12.559 1.879  -4.725  0.00 7.87  ? 104 HOH A H2     1 
HETATM 177 O O      . HOH E 3 . ? -5.386 -1.628 0.330   1.00 10.60 ? 105 HOH A O      1 
HETATM 178 H H1     . HOH E 3 . ? -5.730 -2.376 0.945   0.00 8.20  ? 105 HOH A H1     1 
HETATM 179 H H2     . HOH E 3 . ? -4.507 -1.938 0.057   0.00 8.20  ? 105 HOH A H2     1 
HETATM 180 O O      . HOH E 3 . ? -4.910 5.409  -0.234  1.00 18.13 ? 106 HOH A O      1 
HETATM 181 H H1     . HOH E 3 . ? -5.164 4.682  0.489   0.00 15.95 ? 106 HOH A H1     1 
HETATM 182 H H2     . HOH E 3 . ? -3.942 5.120  -0.400  0.00 15.95 ? 106 HOH A H2     1 
HETATM 183 O O      . HOH E 3 . ? -2.968 1.424  8.819   1.00 15.90 ? 107 HOH A O      1 
HETATM 184 H H1     . HOH E 3 . ? -3.336 0.713  9.492   0.00 14.60 ? 107 HOH A H1     1 
HETATM 185 H H2     . HOH E 3 . ? -2.114 1.151  8.603   0.00 14.60 ? 107 HOH A H2     1 
HETATM 186 O O      . HOH E 3 . ? 12.462 -0.850 -1.223  1.00 20.99 ? 108 HOH A O      1 
HETATM 187 H H1     . HOH E 3 . ? 12.170 -1.542 -0.542  0.00 18.21 ? 108 HOH A H1     1 
HETATM 188 H H2     . HOH E 3 . ? 13.392 -1.104 -1.431  0.00 18.21 ? 108 HOH A H2     1 
HETATM 189 O O      . HOH E 3 . ? 5.857  5.179  0.046   1.00 45.18 ? 109 HOH A O      1 
HETATM 190 H H1     . HOH E 3 . ? 5.765  4.536  0.616   0.00 48.49 ? 109 HOH A H1     1 
HETATM 191 H H2     . HOH E 3 . ? 6.987  4.974  -0.273  0.00 48.49 ? 109 HOH A H2     1 
HETATM 192 O O      . HOH E 3 . ? -1.515 7.186  2.117   1.00 25.89 ? 110 HOH A O      1 
HETATM 193 H H1     . HOH E 3 . ? -1.867 6.609  2.843   0.00 22.58 ? 110 HOH A H1     1 
HETATM 194 H H2     . HOH E 3 . ? -0.645 7.047  1.955   0.00 22.58 ? 110 HOH A H2     1 
HETATM 195 O O      . HOH E 3 . ? 2.467  3.029  -4.054  1.00 22.61 ? 111 HOH A O      1 
HETATM 196 H H1     . HOH E 3 . ? 2.314  2.273  -3.419  0.00 26.57 ? 111 HOH A H1     1 
HETATM 197 H H2     . HOH E 3 . ? 3.536  2.710  -4.308  0.00 26.57 ? 111 HOH A H2     1 
HETATM 198 O O      . HOH E 3 . ? -2.152 1.234  11.618  1.00 42.77 ? 112 HOH A O      1 
HETATM 199 H H1     . HOH E 3 . ? -1.083 0.823  11.320  0.00 44.31 ? 112 HOH A H1     1 
HETATM 200 H H2     . HOH E 3 . ? -1.917 2.038  10.770  0.00 44.31 ? 112 HOH A H2     1 
HETATM 201 O O      . HOH E 3 . ? -8.029 4.659  4.696   1.00 23.08 ? 113 HOH A O      1 
HETATM 202 H H1     . HOH E 3 . ? -8.385 4.019  5.211   0.00 36.80 ? 113 HOH A H1     1 
HETATM 203 H H2     . HOH E 3 . ? -7.163 4.457  4.323   0.00 36.80 ? 113 HOH A H2     1 
HETATM 204 O O      . HOH E 3 . ? -1.328 5.811  -1.930  1.00 40.95 ? 114 HOH A O      1 
HETATM 205 H H1     . HOH E 3 . ? -1.570 5.309  -1.200  0.00 46.13 ? 114 HOH A H1     1 
HETATM 206 H H2     . HOH E 3 . ? -0.348 5.746  -2.088  0.00 46.13 ? 114 HOH A H2     1 
HETATM 207 O O      . HOH E 3 . ? -2.617 8.465  6.575   0.50 57.11 ? 115 HOH A O      1 
HETATM 208 H H1     . HOH E 3 . ? -3.075 7.708  7.354   0.00 49.96 ? 115 HOH A H1     1 
HETATM 209 H H2     . HOH E 3 . ? -1.852 8.146  6.465   0.00 49.96 ? 115 HOH A H2     1 
HETATM 210 O O      . HOH E 3 . ? -4.211 -6.423 -4.521  1.00 24.95 ? 116 HOH A O      1 
HETATM 211 H H1     . HOH E 3 . ? -4.606 -7.063 -3.869  0.00 24.69 ? 116 HOH A H1     1 
HETATM 212 H H2     . HOH E 3 . ? -3.384 -6.625 -4.757  0.00 24.69 ? 116 HOH A H2     1 
HETATM 213 O O      . HOH E 3 . ? -2.679 -0.414 -7.964  1.00 34.58 ? 117 HOH A O      1 
HETATM 214 H H1     . HOH E 3 . ? -3.125 -1.039 -7.381  0.00 29.00 ? 117 HOH A H1     1 
HETATM 215 H H2     . HOH E 3 . ? -1.903 -0.602 -8.269  0.00 29.00 ? 117 HOH A H2     1 
HETATM 216 O O      . HOH E 3 . ? 8.149  5.339  1.080   1.00 52.82 ? 118 HOH A O      1 
HETATM 217 H H1     . HOH E 3 . ? 8.281  4.104  1.541   0.00 44.57 ? 118 HOH A H1     1 
HETATM 218 H H2     . HOH E 3 . ? 9.503  4.542  0.652   0.00 44.57 ? 118 HOH A H2     1 
HETATM 219 O O      . HOH E 3 . ? 5.226  3.260  1.464   1.00 22.98 ? 119 HOH A O      1 
HETATM 220 H H1     . HOH E 3 . ? 4.882  2.571  2.084   0.00 36.98 ? 119 HOH A H1     1 
HETATM 221 H H2     . HOH E 3 . ? 6.104  3.009  1.196   0.00 36.98 ? 119 HOH A H2     1 
HETATM 222 O O      . HOH E 3 . ? 1.957  1.069  -7.751  1.00 48.89 ? 120 HOH A O      1 
HETATM 223 H H1     . HOH E 3 . ? 1.588  0.357  -7.279  0.00 47.63 ? 120 HOH A H1     1 
HETATM 224 H H2     . HOH E 3 . ? 2.810  0.794  -8.167  0.00 47.63 ? 120 HOH A H2     1 
HETATM 225 O O      . HOH E 3 . ? 0.676  1.503  -5.416  1.00 33.58 ? 121 HOH A O      1 
HETATM 226 H H1     . HOH E 3 . ? -0.342 0.797  -4.732  0.00 24.06 ? 121 HOH A H1     1 
HETATM 227 H H2     . HOH E 3 . ? 0.881  1.235  -5.621  0.00 24.06 ? 121 HOH A H2     1 
HETATM 228 O O      . HOH E 3 . ? 1.699  5.493  0.951   1.00 17.71 ? 122 HOH A O      1 
HETATM 229 H H1     . HOH E 3 . ? 1.364  4.785  1.583   0.00 18.71 ? 122 HOH A H1     1 
HETATM 230 H H2     . HOH E 3 . ? 2.587  5.223  0.695   0.00 18.71 ? 122 HOH A H2     1 
HETATM 231 O O      . HOH E 3 . ? 3.244  4.807  -1.125  1.00 24.72 ? 123 HOH A O      1 
HETATM 232 H H1     . HOH E 3 . ? 2.801  4.148  -0.484  0.00 23.00 ? 123 HOH A H1     1 
HETATM 233 H H2     . HOH E 3 . ? 4.023  4.586  -1.372  0.00 23.00 ? 123 HOH A H2     1 
HETATM 234 O O      . HOH E 3 . ? -2.832 -0.001 -5.307  1.00 24.89 ? 124 HOH A O      1 
HETATM 235 H H1     . HOH E 3 . ? -3.089 -0.632 -4.686  0.00 28.80 ? 124 HOH A H1     1 
HETATM 236 H H2     . HOH E 3 . ? -1.867 -0.194 -5.574  0.00 28.80 ? 124 HOH A H2     1 
HETATM 237 O O      . HOH E 3 . ? -8.856 -1.237 -13.684 1.00 33.25 ? 125 HOH A O      1 
HETATM 238 H H1     . HOH E 3 . ? -9.592 -1.365 -13.066 0.00 23.55 ? 125 HOH A H1     1 
HETATM 239 H H2     . HOH E 3 . ? -8.663 -0.595 -14.075 0.00 23.55 ? 125 HOH A H2     1 
HETATM 240 O O      . HOH E 3 . ? -0.916 -5.168 -12.602 1.00 41.83 ? 126 HOH A O      1 
HETATM 241 H H1     . HOH E 3 . ? -1.427 -5.944 -12.134 0.00 25.66 ? 126 HOH A H1     1 
HETATM 242 H H2     . HOH E 3 . ? -0.205 -5.507 -13.022 0.00 25.66 ? 126 HOH A H2     1 
HETATM 243 O O      . HOH E 3 . ? -3.361 -8.305 -2.916  1.00 28.93 ? 127 HOH A O      1 
HETATM 244 H H1     . HOH E 3 . ? -3.042 -8.295 -2.893  0.00 24.30 ? 127 HOH A H1     1 
HETATM 245 H H2     . HOH E 3 . ? -3.876 -7.080 -3.443  0.00 24.30 ? 127 HOH A H2     1 
HETATM 246 O O      . HOH E 3 . ? -2.696 3.704  -3.979  0.50 21.07 ? 128 HOH A O      1 
HETATM 247 H H1     . HOH E 3 . ? -3.730 3.081  -3.681  0.00 17.13 ? 128 HOH A H1     1 
HETATM 248 H H2     . HOH E 3 . ? -2.507 3.519  -4.570  0.00 17.13 ? 128 HOH A H2     1 
HETATM 249 O O      . HOH E 3 . ? -1.237 9.485  4.571   0.50 32.85 ? 129 HOH A O      1 
HETATM 250 H H1     . HOH E 3 . ? -1.906 9.369  5.544   0.00 16.62 ? 129 HOH A H1     1 
HETATM 251 H H2     . HOH E 3 . ? -0.977 10.139 4.535   0.00 16.62 ? 129 HOH A H2     1 
HETATM 252 O O      . HOH E 3 . ? -4.710 1.361  -3.068  1.00 24.20 ? 130 HOH A O      1 
HETATM 253 H H1     . HOH E 3 . ? -5.018 0.658  -2.482  0.00 20.60 ? 130 HOH A H1     1 
HETATM 254 H H2     . HOH E 3 . ? -3.796 1.096  -3.370  0.00 20.60 ? 130 HOH A H2     1 
# 
loop_
_atom_site_anisotrop.id 
_atom_site_anisotrop.type_symbol 
_atom_site_anisotrop.pdbx_label_atom_id 
_atom_site_anisotrop.pdbx_label_alt_id 
_atom_site_anisotrop.pdbx_label_comp_id 
_atom_site_anisotrop.pdbx_label_asym_id 
_atom_site_anisotrop.pdbx_label_seq_id 
_atom_site_anisotrop.pdbx_PDB_ins_code 
_atom_site_anisotrop.U[1][1] 
_atom_site_anisotrop.U[2][2] 
_atom_site_anisotrop.U[3][3] 
_atom_site_anisotrop.U[1][2] 
_atom_site_anisotrop.U[1][3] 
_atom_site_anisotrop.U[2][3] 
_atom_site_anisotrop.pdbx_auth_seq_id 
_atom_site_anisotrop.pdbx_auth_comp_id 
_atom_site_anisotrop.pdbx_auth_asym_id 
_atom_site_anisotrop.pdbx_auth_atom_id 
1   P P     . G   A 2 ? 0.2178 0.1921 0.2483 0.0098  -0.0281 -0.1032 2   G   A P     
2   O OP1   . G   A 2 ? 0.2275 0.2407 0.2387 0.0051  -0.0456 -0.0796 2   G   A OP1   
3   O OP2   . G   A 2 ? 0.2401 0.2412 0.2857 0.0129  -0.0081 -0.0545 2   G   A OP2   
4   O "O5'" . G   A 2 ? 0.1396 0.1491 0.1852 -0.0182 -0.0104 -0.0620 2   G   A "O5'" 
5   C "C5'" . G   A 2 ? 0.1202 0.1047 0.1298 -0.0036 0.0103  -0.0234 2   G   A "C5'" 
6   C "C4'" . G   A 2 ? 0.0858 0.0882 0.0899 -0.0176 0.0219  -0.0211 2   G   A "C4'" 
7   O "O4'" . G   A 2 ? 0.0661 0.0947 0.0635 -0.0148 0.0026  0.0046  2   G   A "O4'" 
8   C "C3'" . G   A 2 ? 0.0590 0.0650 0.0721 0.0071  0.0158  0.0087  2   G   A "C3'" 
9   O "O3'" . G   A 2 ? 0.0653 0.0603 0.0746 -0.0061 0.0063  0.0092  2   G   A "O3'" 
10  C "C2'" . G   A 2 ? 0.0735 0.0551 0.0526 -0.0035 0.0113  -0.0032 2   G   A "C2'" 
11  C "C1'" . G   A 2 ? 0.0630 0.0717 0.0515 0.0051  0.0039  0.0108  2   G   A "C1'" 
12  N N9    . G   A 2 ? 0.0613 0.0500 0.0544 0.0044  0.0115  0.0076  2   G   A N9    
13  C C8    . G   A 2 ? 0.0435 0.0446 0.0430 0.0002  -0.0021 -0.0020 2   G   A C8    
14  N N7    . G   A 2 ? 0.0508 0.0388 0.0459 0.0024  -0.0108 0.0003  2   G   A N7    
15  C C5    . G   A 2 ? 0.0454 0.0493 0.0513 -0.0075 -0.0001 0.0051  2   G   A C5    
16  C C6    . G   A 2 ? 0.0386 0.0393 0.0326 -0.0122 0.0030  -0.0070 2   G   A C6    
17  O O6    . G   A 2 ? 0.0417 0.0489 0.0352 -0.0044 0.0041  -0.0027 2   G   A O6    
18  N N1    . G   A 2 ? 0.0436 0.0367 0.0350 -0.0091 0.0103  -0.0103 2   G   A N1    
19  C C2    . G   A 2 ? 0.0447 0.0417 0.0437 -0.0092 0.0108  -0.0039 2   G   A C2    
20  N N2    . G   A 2 ? 0.0497 0.0373 0.0467 -0.0068 0.0066  -0.0036 2   G   A N2    
21  N N3    . G   A 2 ? 0.0563 0.0432 0.0554 -0.0050 0.0029  0.0010  2   G   A N3    
22  C C4    . G   A 2 ? 0.0437 0.0522 0.0559 -0.0053 -0.0013 0.0000  2   G   A C4    
33  P P     . U   A 3 ? 0.0715 0.0652 0.0667 -0.0046 -0.0074 -0.0034 3   U   A P     
34  O OP1   . U   A 3 ? 0.0814 0.0883 0.0811 -0.0010 -0.0095 0.0129  3   U   A OP1   
35  O OP2   . U   A 3 ? 0.0999 0.0789 0.0761 0.0007  -0.0077 -0.0241 3   U   A OP2   
36  O "O5'" . U   A 3 ? 0.0692 0.0528 0.0654 0.0049  -0.0074 -0.0040 3   U   A "O5'" 
37  C "C5'" . U   A 3 ? 0.0675 0.0496 0.0691 -0.0003 -0.0057 -0.0021 3   U   A "C5'" 
38  C "C4'" . U   A 3 ? 0.0556 0.0556 0.0641 0.0048  -0.0087 -0.0018 3   U   A "C4'" 
39  O "O4'" . U   A 3 ? 0.0672 0.0631 0.0671 0.0054  -0.0094 -0.0120 3   U   A "O4'" 
40  C "C3'" . U   A 3 ? 0.0611 0.0524 0.0649 -0.0006 0.0012  0.0030  3   U   A "C3'" 
41  O "O3'" . U   A 3 ? 0.0535 0.0619 0.0699 0.0040  -0.0017 0.0099  3   U   A "O3'" 
42  C "C2'" . U   A 3 ? 0.0492 0.0569 0.0689 -0.0063 0.0015  0.0074  3   U   A "C2'" 
43  O "O2'" . U   A 3 ? 0.0568 0.0458 0.0587 -0.0002 -0.0020 -0.0016 3   U   A "O2'" 
44  C "C1'" . U   A 3 ? 0.0589 0.0712 0.0536 0.0030  -0.0011 0.0051  3   U   A "C1'" 
45  N N1    . U   A 3 ? 0.0638 0.0707 0.0598 0.0040  -0.0033 0.0064  3   U   A N1    
46  C C2    . U   A 3 ? 0.0659 0.0727 0.0647 -0.0013 -0.0032 0.0098  3   U   A C2    
47  O O2    . U   A 3 ? 0.0725 0.0866 0.0904 0.0064  0.0018  0.0179  3   U   A O2    
48  N N3    . U   A 3 ? 0.0687 0.0731 0.0852 -0.0016 0.0078  0.0038  3   U   A N3    
49  C C4    . U   A 3 ? 0.0646 0.0871 0.0836 0.0044  0.0143  0.0043  3   U   A C4    
50  O O4    . U   A 3 ? 0.0775 0.0857 0.1288 0.0028  0.0290  0.0124  3   U   A O4    
51  C C5    . U   A 3 ? 0.0604 0.0879 0.0642 0.0232  0.0053  0.0115  3   U   A C5    
52  C C6    . U   A 3 ? 0.0711 0.0756 0.0469 0.0095  0.0131  0.0197  3   U   A C6    
63  P P     . G   A 4 ? 0.0520 0.0560 0.0534 -0.0032 0.0009  0.0013  4   G   A P     
64  O OP1   . G   A 4 ? 0.0686 0.0565 0.0781 -0.0024 0.0060  0.0097  4   G   A OP1   
65  O OP2   . G   A 4 ? 0.0566 0.0614 0.0535 0.0013  -0.0004 -0.0014 4   G   A OP2   
66  O "O5'" . G   A 4 ? 0.0551 0.0714 0.0704 0.0050  0.0036  0.0109  4   G   A "O5'" 
67  C "C5'" . G   A 4 ? 0.0514 0.0584 0.0725 0.0012  0.0004  0.0129  4   G   A "C5'" 
68  C "C4'" . G   A 4 ? 0.0585 0.0441 0.0577 -0.0013 -0.0018 0.0047  4   G   A "C4'" 
69  O "O4'" . G   A 4 ? 0.0624 0.0513 0.0468 -0.0016 0.0024  0.0029  4   G   A "O4'" 
70  C "C3'" . G   A 4 ? 0.0490 0.0603 0.0518 0.0055  -0.0064 -0.0017 4   G   A "C3'" 
71  O "O3'" . G   A 4 ? 0.0654 0.0562 0.0760 0.0143  0.0047  0.0026  4   G   A "O3'" 
72  C "C2'" . G   A 4 ? 0.0511 0.0529 0.0549 0.0046  -0.0062 -0.0013 4   G   A "C2'" 
73  O "O2'" . G   A 4 ? 0.0597 0.0589 0.0791 0.0070  -0.0128 -0.0081 4   G   A "O2'" 
74  C "C1'" . G   A 4 ? 0.0596 0.0528 0.0574 -0.0070 0.0017  -0.0035 4   G   A "C1'" 
75  N N9    . G   A 4 ? 0.0481 0.0447 0.0394 -0.0031 -0.0022 0.0002  4   G   A N9    
76  C C8    . G   A 4 ? 0.0447 0.0623 0.0523 -0.0026 -0.0015 0.0003  4   G   A C8    
77  N N7    . G   A 4 ? 0.0370 0.0588 0.0398 -0.0039 0.0016  0.0016  4   G   A N7    
78  C C5    . G   A 4 ? 0.0365 0.0453 0.0374 -0.0016 -0.0055 -0.0057 4   G   A C5    
79  C C6    . G   A 4 ? 0.0445 0.0349 0.0372 0.0055  -0.0058 -0.0106 4   G   A C6    
80  O O6    . G   A 4 ? 0.0354 0.0392 0.0419 -0.0031 0.0047  -0.0086 4   G   A O6    
81  N N1    . G   A 4 ? 0.0376 0.0342 0.0422 0.0052  -0.0012 -0.0081 4   G   A N1    
82  C C2    . G   A 4 ? 0.0383 0.0381 0.0381 0.0094  -0.0038 -0.0042 4   G   A C2    
83  N N2    . G   A 4 ? 0.0421 0.0408 0.0454 0.0115  0.0000  0.0017  4   G   A N2    
84  N N3    . G   A 4 ? 0.0440 0.0503 0.0408 0.0079  0.0014  -0.0005 4   G   A N3    
85  C C4    . G   A 4 ? 0.0415 0.0382 0.0353 0.0007  0.0020  -0.0078 4   G   A C4    
97  P P     . G   A 5 ? 0.0694 0.0681 0.0643 0.0022  -0.0004 0.0088  5   G   A P     
98  O OP1   . G   A 5 ? 0.0990 0.0636 0.0701 0.0003  0.0091  0.0125  5   G   A OP1   
99  O OP2   . G   A 5 ? 0.0790 0.0869 0.0790 -0.0062 0.0072  0.0185  5   G   A OP2   
100 O "O5'" . G   A 5 ? 0.0611 0.0652 0.0702 0.0028  0.0015  0.0104  5   G   A "O5'" 
101 C "C5'" . G   A 5 ? 0.0581 0.0621 0.0732 0.0124  -0.0049 0.0014  5   G   A "C5'" 
102 C "C4'" . G   A 5 ? 0.0611 0.0477 0.0769 0.0087  0.0046  0.0099  5   G   A "C4'" 
103 O "O4'" . G   A 5 ? 0.0551 0.0510 0.0581 0.0044  -0.0109 0.0015  5   G   A "O4'" 
104 C "C3'" . G   A 5 ? 0.0680 0.0432 0.0832 0.0111  -0.0045 0.0002  5   G   A "C3'" 
105 O "O3'" . G   A 5 ? 0.0823 0.0571 0.0874 0.0119  -0.0016 -0.0047 5   G   A "O3'" 
106 C "C2'" . G   A 5 ? 0.0567 0.0575 0.0506 0.0086  -0.0040 -0.0075 5   G   A "C2'" 
107 O "O2'" . G   A 5 ? 0.0570 0.0690 0.0528 0.0066  -0.0017 -0.0129 5   G   A "O2'" 
108 C "C1'" . G   A 5 ? 0.0546 0.0492 0.0435 0.0068  0.0010  0.0001  5   G   A "C1'" 
109 N N9    . G   A 5 ? 0.0404 0.0441 0.0389 0.0047  -0.0046 -0.0033 5   G   A N9    
110 C C8    . G   A 5 ? 0.0525 0.0462 0.0412 -0.0002 -0.0026 0.0039  5   G   A C8    
111 N N7    . G   A 5 ? 0.0508 0.0568 0.0273 0.0015  0.0001  0.0010  5   G   A N7    
112 C C5    . G   A 5 ? 0.0373 0.0453 0.0401 0.0075  -0.0012 -0.0058 5   G   A C5    
113 C C6    . G   A 5 ? 0.0266 0.0616 0.0280 0.0068  -0.0018 -0.0099 5   G   A C6    
114 O O6    . G   A 5 ? 0.0330 0.0440 0.0311 -0.0093 -0.0026 -0.0031 5   G   A O6    
115 N N1    . G   A 5 ? 0.0341 0.0409 0.0379 -0.0046 0.0016  -0.0117 5   G   A N1    
116 C C2    . G   A 5 ? 0.0331 0.0470 0.0425 0.0035  -0.0039 -0.0070 5   G   A C2    
117 N N2    . G   A 5 ? 0.0315 0.0623 0.0521 0.0007  0.0115  -0.0058 5   G   A N2    
118 N N3    . G   A 5 ? 0.0340 0.0463 0.0415 0.0003  0.0025  -0.0107 5   G   A N3    
119 C C4    . G   A 5 ? 0.0399 0.0414 0.0419 0.0014  -0.0006 -0.0013 5   G   A C4    
131 P P     . U   A 6 ? 0.1081 0.1034 0.1158 0.0034  -0.0023 -0.0037 6   U   A P     
132 O OP1   . U   A 6 ? 0.1234 0.1071 0.1133 0.0028  -0.0080 0.0035  6   U   A OP1   
133 O OP2   . U   A 6 ? 0.1392 0.1150 0.1478 0.0138  0.0000  -0.0177 6   U   A OP2   
134 O "O5'" . U   A 6 ? 0.1063 0.1101 0.1273 0.0139  0.0028  0.0153  6   U   A "O5'" 
135 C "C5'" . U   A 6 ? 0.1091 0.0956 0.1063 0.0002  0.0003  0.0168  6   U   A "C5'" 
136 C "C4'" . U   A 6 ? 0.1092 0.0736 0.1111 -0.0130 -0.0053 0.0166  6   U   A "C4'" 
137 O "O4'" . U   A 6 ? 0.1066 0.0662 0.1143 0.0039  -0.0076 0.0080  6   U   A "O4'" 
138 C "C3'" . U   A 6 ? 0.1140 0.0923 0.1067 0.0155  0.0103  0.0327  6   U   A "C3'" 
139 O "O3'" . U   A 6 ? 0.1297 0.0912 0.1146 -0.0077 0.0111  0.0215  6   U   A "O3'" 
140 C "C2'" . U   A 6 ? 0.0874 0.0880 0.0938 0.0026  0.0114  0.0201  6   U   A "C2'" 
141 O "O2'" . U   A 6 ? 0.1103 0.1028 0.0946 0.0082  0.0141  0.0294  6   U   A "O2'" 
142 C "C1'" . U   A 6 ? 0.0737 0.0767 0.1057 -0.0016 0.0078  0.0234  6   U   A "C1'" 
143 N N1    . U   A 6 ? 0.0681 0.0698 0.0818 -0.0001 -0.0052 0.0125  6   U   A N1    
144 C C2    . U   A 6 ? 0.0598 0.0593 0.0567 -0.0148 0.0003  -0.0097 6   U   A C2    
145 O O2    . U   A 6 ? 0.0623 0.0757 0.0684 -0.0077 0.0047  0.0089  6   U   A O2    
146 N N3    . U   A 6 ? 0.0492 0.0596 0.0566 -0.0077 -0.0020 0.0030  6   U   A N3    
147 C C4    . U   A 6 ? 0.0565 0.0603 0.0428 -0.0061 -0.0097 -0.0035 6   U   A C4    
148 O O4    . U   A 6 ? 0.0462 0.0563 0.0381 -0.0100 0.0034  -0.0096 6   U   A O4    
149 C C5    . U   A 6 ? 0.0573 0.0701 0.0524 -0.0020 -0.0047 -0.0012 6   U   A C5    
150 C C6    . U   A 6 ? 0.0728 0.0807 0.0619 0.0002  -0.0108 -0.0051 6   U   A C6    
162 K K     . K   B . ? 0.0756 0.0702 0.0612 -0.0055 -0.0078 -0.0126 201 K   A K     
163 K K     . K   C . ? 0.0679 0.0625 0.0567 -0.0049 -0.0064 -0.0109 202 K   A K     
164 K K     . K   D . ? 0.0651 0.0617 0.0576 -0.0032 -0.0042 -0.0072 203 K   A K     
165 O O     . HOH E . ? 0.1445 0.0838 0.1462 -0.0164 0.0206  -0.0022 101 HOH A O     
168 O O     . HOH E . ? 0.1335 0.1363 0.1406 0.0018  -0.0113 0.0080  102 HOH A O     
171 O O     . HOH E . ? 0.1421 0.1430 0.1187 -0.0155 0.0182  0.0014  103 HOH A O     
174 O O     . HOH E . ? 0.1242 0.1635 0.1257 -0.0110 0.0207  0.0123  104 HOH A O     
177 O O     . HOH E . ? 0.1244 0.1489 0.1294 -0.0003 0.0083  0.0141  105 HOH A O     
180 O O     . HOH E . ? 0.2058 0.1969 0.2861 0.0045  -0.0360 0.0884  106 HOH A O     
183 O O     . HOH E . ? 0.2033 0.1587 0.2418 0.0061  -0.0305 0.0142  107 HOH A O     
186 O O     . HOH E . ? 0.2759 0.2979 0.2234 -0.0796 -0.0042 0.0604  108 HOH A O     
189 O O     . HOH E . ? 0.5645 0.5645 0.5876 0.0140  0.0044  -0.0102 109 HOH A O     
192 O O     . HOH E . ? 0.3816 0.2387 0.3632 -0.0072 -0.0085 -0.0431 110 HOH A O     
195 O O     . HOH E . ? 0.2431 0.3592 0.2564 -0.0423 -0.0248 0.1342  111 HOH A O     
198 O O     . HOH E . ? 0.5258 0.5537 0.5456 0.0019  -0.0050 -0.0189 112 HOH A O     
201 O O     . HOH E . ? 0.2923 0.2227 0.3617 0.0450  -0.0613 0.0286  113 HOH A O     
204 O O     . HOH E . ? 0.5179 0.5273 0.5107 0.0162  0.0047  0.0370  114 HOH A O     
207 O O     . HOH E . ? 0.7243 0.7163 0.7292 0.0039  0.0066  0.0017  115 HOH A O     
210 O O     . HOH E . ? 0.3586 0.2978 0.2915 -0.0758 -0.0246 -0.1106 116 HOH A O     
213 O O     . HOH E . ? 0.4261 0.4230 0.4648 0.0324  -0.0001 0.0192  117 HOH A O     
216 O O     . HOH E . ? 0.6832 0.6721 0.6516 -0.0014 0.0038  0.0013  118 HOH A O     
219 O O     . HOH E . ? 0.2929 0.2231 0.3569 0.0238  0.0131  -0.0195 119 HOH A O     
222 O O     . HOH E . ? 0.6399 0.6041 0.6135 0.0124  0.0152  0.0172  120 HOH A O     
225 O O     . HOH E . ? 0.4919 0.4217 0.3620 -0.0049 0.0036  0.0262  121 HOH A O     
228 O O     . HOH E . ? 0.2685 0.2095 0.1946 -0.0505 -0.0098 -0.0318 122 HOH A O     
231 O O     . HOH E . ? 0.3172 0.3035 0.3183 -0.0059 0.0133  0.0521  123 HOH A O     
234 O O     . HOH E . ? 0.2946 0.3197 0.3314 0.1140  0.0050  0.0856  124 HOH A O     
237 O O     . HOH E . ? 0.4412 0.4057 0.4161 -0.0258 -0.0100 -0.0248 125 HOH A O     
240 O O     . HOH E . ? 0.5331 0.5172 0.5390 0.0067  0.0085  -0.0041 126 HOH A O     
243 O O     . HOH E . ? 0.3980 0.3442 0.3568 -0.0797 -0.0827 -0.1382 127 HOH A O     
246 O O     . HOH E . ? 0.2766 0.2707 0.2533 0.0043  0.0184  0.0541  128 HOH A O     
249 O O     . HOH E . ? 0.4237 0.4046 0.4196 -0.0101 0.0111  -0.0038 129 HOH A O     
252 O O     . HOH E . ? 0.2364 0.4442 0.2387 -0.0207 -0.0286 0.0888  130 HOH A O     
# 
